data_7LM2
#
_entry.id   7LM2
#
_cell.length_a   91.284
_cell.length_b   109.308
_cell.length_c   142.579
_cell.angle_alpha   90.000
_cell.angle_beta   90.000
_cell.angle_gamma   90.000
#
_symmetry.space_group_name_H-M   'P 21 21 21'
#
loop_
_entity.id
_entity.type
_entity.pdbx_description
1 polymer 'Phosphatidylinositol 4,5-bisphosphate 3-kinase catalytic subunit delta isoform'
2 polymer 'Phosphatidylinositol 3-kinase regulatory subunit alpha'
3 non-polymer cyclopropyl[(3S)-3-{[9-ethyl-8-(2-methylpyrimidin-5-yl)-9H-purin-6-yl]amino}pyrrolidin-1-yl]methanone
4 non-polymer 1,2-ETHANEDIOL
5 non-polymer 'SULFATE ION'
6 water water
#
loop_
_entity_poly.entity_id
_entity_poly.type
_entity_poly.pdbx_seq_one_letter_code
_entity_poly.pdbx_strand_id
1 'polypeptide(L)'
;WTKEENQSVVVDFLLPTGVYLNFPVSRNANLSTIKQLLWHRAQYEPLFHMLSGPEAYVFTCINQTAEQQELEDEQRRLCD
VQPFLPVLRLVAREGDRVKKLINSQISLLIGKGLHEFDSLCDPEVNDFRAKMCQFCEEAAARRQQLGWEAWLQYSFPLQL
EPSAQTWGPGTLRLPNRALLVNVKFEGSEESFTFQVSTKDVPLALMACALRKKATVFRQPLVEQPEDYTLQVNGRHEYLY
GSYPLCQFQYICSCLHSGLTPHLTMVHSSSILAMRDEQSNPAPQVQKPRAKPPPIPAKKPSSVSLWSLEQPFRIELIQGS
KVNADERMKLVVQAGLFHGNEMLCKTVSSSEVSVCSEPVWKQRLEFDINICDLPRMARLCFALYAVIEKAKKARSTKKKS
KKADCPIAWANLMLFDYKDQLKTGERCLYMWPSVPDEKGELLNPTGTVRSNPNTDSAAALLICLPEVAPHPVYYPALEKI
LELGRHSECVHVTEEEQLQLREILERRGSGELYEHEKDLVWKLRHEVQEHFPEALARLLLVTKWNKHEDVAQMLYLLCSW
PELPVLSALELLDFSFPDCHVGSFAIKSLRKLTDDELFQYLLQLVQVLKYESYLDCELTKFLLDRALANRKIGHFLFWHL
RSEMHVPSVALRFGLILEAYCRGSTHHMKVLMKQGEALSKLKALNDFVKLSSQKTPKPQTKELMHLCMRQEAYLEALSHL
QSPLDPSTLLAEVCVEQCTFMDSKMKPLWIMYSNEEAGSGGSVGIIFKNGDDLRQDMLTLQMIQLMDVLWKQEGLDLRMT
PYGCLPTGDRTGLIEVVLRSDTIANIQLNKSNMAATAAFNKDALLNWLKSKNPGEALDRAIEEFTLSCAGYCVATYVLGI
GDRHSDNIMIRESGQLFHIDFGHFLGNFKTKFGINRERVPFILTYDFVHVIQQGKTNNSEKFERFRGYCERAYTILRRHG
LLFLHLFALMRAAGLPELSCSKDIQYLKDSLALGKTEEEALKHFRVKFNEALRESWKTKV
;
A
2 'polypeptide(L)'
;YQQDQVVKEDNIEAVGKKLHEYNTQFQEKSREYDRLYEDYTRTSQEIQMKRTAIEAFNETIKIFEEQCQTQERYSKEYIE
KFKREGNETEIQRIMHNYEKLKSRISEIVDSRRRLEEDLKKQAAEYREIDKRMNSIKPDLIQLRKTRDQYLMWLTQKGVR
QKKLNEWLG
;
B
#
loop_
_chem_comp.id
_chem_comp.type
_chem_comp.name
_chem_comp.formula
EDO non-polymer 1,2-ETHANEDIOL 'C2 H6 O2'
SO4 non-polymer 'SULFATE ION' 'O4 S -2'
Y5Y non-polymer cyclopropyl[(3S)-3-{[9-ethyl-8-(2-methylpyrimidin-5-yl)-9H-purin-6-yl]amino}pyrrolidin-1-yl]methanone 'C20 H24 N8 O'
#
# COMPACT_ATOMS: atom_id res chain seq x y z
N TRP A 1 22.52 -10.53 15.78
CA TRP A 1 22.17 -9.31 14.98
C TRP A 1 22.34 -8.01 15.79
N THR A 2 22.26 -6.89 15.08
CA THR A 2 22.40 -5.54 15.67
C THR A 2 21.14 -5.08 16.42
N LYS A 3 19.97 -5.39 15.85
CA LYS A 3 18.65 -5.02 16.41
C LYS A 3 18.40 -5.42 17.88
N GLU A 4 18.95 -6.56 18.32
CA GLU A 4 18.73 -7.11 19.66
C GLU A 4 19.93 -7.00 20.60
N GLU A 5 21.13 -7.36 20.11
CA GLU A 5 22.31 -7.55 20.96
C GLU A 5 22.81 -6.26 21.65
N ASN A 6 23.12 -6.39 22.94
CA ASN A 6 23.72 -5.33 23.76
C ASN A 6 25.23 -5.53 23.98
N GLN A 7 25.82 -6.52 23.29
CA GLN A 7 27.22 -6.93 23.50
C GLN A 7 28.18 -6.02 22.72
N SER A 8 29.47 -6.36 22.72
CA SER A 8 30.46 -5.68 21.89
C SER A 8 30.69 -6.39 20.55
N VAL A 9 31.22 -5.63 19.58
CA VAL A 9 31.53 -6.14 18.23
C VAL A 9 32.92 -5.70 17.78
N VAL A 10 33.66 -6.63 17.19
CA VAL A 10 34.95 -6.34 16.57
C VAL A 10 34.72 -5.61 15.25
N VAL A 11 35.26 -4.40 15.13
CA VAL A 11 35.08 -3.53 13.97
C VAL A 11 36.42 -3.34 13.23
N ASP A 12 36.36 -3.41 11.91
CA ASP A 12 37.52 -3.18 11.06
C ASP A 12 37.59 -1.69 10.74
N PHE A 13 38.75 -1.08 10.99
CA PHE A 13 38.97 0.33 10.65
C PHE A 13 40.01 0.48 9.56
N LEU A 14 39.67 1.25 8.53
CA LEU A 14 40.55 1.55 7.43
C LEU A 14 40.91 3.03 7.50
N LEU A 15 42.19 3.30 7.83
CA LEU A 15 42.71 4.66 7.87
C LEU A 15 43.14 5.05 6.45
N PRO A 16 43.13 6.37 6.14
CA PRO A 16 43.44 6.85 4.78
C PRO A 16 44.93 6.79 4.37
N THR A 17 45.79 6.37 5.29
CA THR A 17 47.18 6.06 5.01
C THR A 17 47.41 4.60 4.59
N GLY A 18 46.33 3.83 4.42
CA GLY A 18 46.41 2.39 4.13
C GLY A 18 46.51 1.49 5.35
N VAL A 19 46.58 2.08 6.53
CA VAL A 19 46.74 1.34 7.78
C VAL A 19 45.39 0.76 8.21
N TYR A 20 45.46 -0.39 8.89
CA TYR A 20 44.31 -1.19 9.24
C TYR A 20 44.34 -1.55 10.72
N LEU A 21 43.29 -1.14 11.45
CA LEU A 21 43.07 -1.52 12.84
C LEU A 21 41.84 -2.41 12.97
N ASN A 22 41.84 -3.23 14.01
CA ASN A 22 40.80 -4.22 14.30
C ASN A 22 40.62 -4.37 15.81
N PHE A 23 39.60 -3.73 16.39
CA PHE A 23 39.33 -3.84 17.84
C PHE A 23 37.83 -3.82 18.20
N PRO A 24 37.46 -4.39 19.38
CA PRO A 24 36.05 -4.44 19.77
C PRO A 24 35.53 -3.14 20.37
N VAL A 25 34.28 -2.82 20.03
CA VAL A 25 33.53 -1.67 20.59
C VAL A 25 32.11 -2.11 20.90
N SER A 26 31.40 -1.30 21.67
CA SER A 26 30.00 -1.61 22.03
C SER A 26 29.06 -1.35 20.86
N ARG A 27 28.08 -2.22 20.68
CA ARG A 27 27.05 -2.03 19.64
C ARG A 27 26.21 -0.76 19.89
N ASN A 28 25.97 -0.46 21.16
CA ASN A 28 25.32 0.80 21.57
C ASN A 28 26.17 2.06 21.46
N ALA A 29 27.49 1.92 21.28
CA ALA A 29 28.38 3.07 21.16
C ALA A 29 28.05 3.87 19.89
N ASN A 30 28.01 5.20 20.03
CA ASN A 30 27.80 6.08 18.88
C ASN A 30 29.09 6.40 18.14
N LEU A 31 28.95 6.88 16.92
CA LEU A 31 30.08 7.02 16.01
C LEU A 31 31.11 8.04 16.47
N SER A 32 30.67 9.10 17.15
CA SER A 32 31.57 10.08 17.76
C SER A 32 32.51 9.44 18.78
N THR A 33 31.95 8.57 19.63
CA THR A 33 32.69 7.82 20.64
C THR A 33 33.66 6.79 20.04
N ILE A 34 33.24 6.17 18.93
CA ILE A 34 34.06 5.20 18.22
C ILE A 34 35.28 5.89 17.59
N LYS A 35 35.06 7.09 17.05
CA LYS A 35 36.16 7.87 16.46
C LYS A 35 37.20 8.28 17.52
N GLN A 36 36.74 8.57 18.74
CA GLN A 36 37.67 8.81 19.86
C GLN A 36 38.49 7.56 20.20
N LEU A 37 37.84 6.42 20.34
CA LEU A 37 38.52 5.13 20.60
C LEU A 37 39.49 4.77 19.48
N LEU A 38 39.10 5.08 18.23
CA LEU A 38 39.96 4.85 17.06
C LEU A 38 41.24 5.69 17.14
N TRP A 39 41.08 6.98 17.38
CA TRP A 39 42.22 7.89 17.50
C TRP A 39 43.15 7.53 18.67
N HIS A 40 42.61 6.97 19.74
CA HIS A 40 43.42 6.52 20.85
C HIS A 40 44.27 5.28 20.53
N ARG A 41 43.76 4.43 19.64
CA ARG A 41 44.44 3.19 19.25
C ARG A 41 45.43 3.46 18.11
N ALA A 42 45.04 4.33 17.18
CA ALA A 42 45.85 4.68 16.00
C ALA A 42 47.18 5.32 16.37
N GLN A 43 47.22 6.06 17.49
CA GLN A 43 48.47 6.54 18.11
C GLN A 43 49.57 5.51 17.98
N TYR A 44 49.28 4.32 18.51
CA TYR A 44 50.28 3.27 18.66
C TYR A 44 50.42 2.37 17.42
N GLU A 45 49.75 2.76 16.32
CA GLU A 45 49.94 2.14 15.00
C GLU A 45 50.69 3.10 14.06
N PRO A 46 51.31 2.56 12.97
CA PRO A 46 52.16 3.39 12.12
C PRO A 46 51.44 4.50 11.34
N LEU A 47 52.21 5.50 10.95
CA LEU A 47 51.77 6.62 10.10
C LEU A 47 50.77 7.58 10.75
N PHE A 48 50.64 7.55 12.08
CA PHE A 48 49.69 8.41 12.80
C PHE A 48 49.95 9.91 12.58
N HIS A 49 51.23 10.28 12.49
CA HIS A 49 51.63 11.70 12.34
C HIS A 49 51.09 12.38 11.07
N MET A 50 50.76 11.59 10.05
CA MET A 50 50.29 12.12 8.77
C MET A 50 48.78 12.35 8.70
N LEU A 51 48.02 11.76 9.62
CA LEU A 51 46.58 12.02 9.71
C LEU A 51 46.32 13.45 10.17
N SER A 52 45.23 14.03 9.66
CA SER A 52 44.64 15.23 10.25
C SER A 52 43.92 14.84 11.55
N GLY A 53 43.32 15.81 12.21
CA GLY A 53 42.50 15.57 13.39
C GLY A 53 41.22 14.82 13.08
N PRO A 54 40.59 14.18 14.09
CA PRO A 54 39.39 13.36 13.89
C PRO A 54 38.26 14.09 13.15
N GLU A 55 38.10 15.37 13.45
CA GLU A 55 37.06 16.20 12.83
C GLU A 55 37.25 16.44 11.32
N ALA A 56 38.43 16.13 10.78
CA ALA A 56 38.68 16.20 9.33
C ALA A 56 38.09 15.04 8.51
N TYR A 57 37.66 13.96 9.17
CA TYR A 57 37.22 12.72 8.53
C TYR A 57 35.80 12.30 8.87
N VAL A 58 35.23 11.48 7.99
CA VAL A 58 33.87 10.93 8.12
C VAL A 58 33.94 9.43 7.91
N PHE A 59 33.23 8.67 8.75
CA PHE A 59 33.13 7.22 8.56
C PHE A 59 32.26 6.90 7.35
N THR A 60 32.73 5.93 6.58
CA THR A 60 31.98 5.32 5.49
C THR A 60 31.81 3.85 5.84
N CYS A 61 30.63 3.30 5.51
CA CYS A 61 30.35 1.88 5.68
C CYS A 61 29.48 1.39 4.53
N ILE A 62 29.40 0.06 4.39
CA ILE A 62 28.44 -0.58 3.48
C ILE A 62 27.16 -0.88 4.26
N ASN A 63 26.08 -0.17 3.95
CA ASN A 63 24.81 -0.35 4.69
C ASN A 63 24.02 -1.59 4.26
N GLN A 64 22.89 -1.82 4.91
CA GLN A 64 22.12 -3.07 4.79
C GLN A 64 21.57 -3.35 3.37
N THR A 65 21.41 -2.31 2.56
CA THR A 65 20.98 -2.44 1.16
C THR A 65 22.14 -2.28 0.17
N ALA A 66 23.33 -2.75 0.57
CA ALA A 66 24.48 -2.93 -0.33
C ALA A 66 25.13 -1.64 -0.90
N GLU A 67 24.82 -0.49 -0.31
CA GLU A 67 25.36 0.79 -0.79
C GLU A 67 26.31 1.42 0.21
N GLN A 68 27.27 2.18 -0.32
CA GLN A 68 28.17 2.97 0.50
C GLN A 68 27.43 4.12 1.12
N GLN A 69 27.74 4.42 2.38
CA GLN A 69 27.04 5.44 3.13
C GLN A 69 28.00 6.30 3.90
N GLU A 70 28.01 7.60 3.62
CA GLU A 70 28.76 8.56 4.40
C GLU A 70 27.98 8.90 5.69
N LEU A 71 28.51 8.40 6.82
CA LEU A 71 27.87 8.55 8.12
C LEU A 71 28.17 9.92 8.74
N GLU A 72 27.46 10.94 8.26
CA GLU A 72 27.70 12.33 8.66
C GLU A 72 27.20 12.64 10.08
N ASP A 73 26.02 12.12 10.43
CA ASP A 73 25.48 12.28 11.78
C ASP A 73 26.13 11.26 12.70
N GLU A 74 27.08 11.74 13.52
CA GLU A 74 27.86 10.87 14.41
C GLU A 74 27.29 10.75 15.83
N GLN A 75 26.05 11.18 16.01
CA GLN A 75 25.28 10.88 17.23
C GLN A 75 24.45 9.60 17.11
N ARG A 76 24.54 8.92 15.96
CA ARG A 76 23.86 7.64 15.75
C ARG A 76 24.69 6.52 16.33
N ARG A 77 24.03 5.51 16.89
CA ARG A 77 24.68 4.34 17.47
C ARG A 77 24.99 3.35 16.38
N LEU A 78 26.11 2.63 16.51
CA LEU A 78 26.52 1.58 15.55
C LEU A 78 25.40 0.57 15.27
N CYS A 79 24.63 0.22 16.30
CA CYS A 79 23.49 -0.68 16.13
C CYS A 79 22.41 -0.07 15.24
N ASP A 80 22.20 1.24 15.35
CA ASP A 80 21.24 1.95 14.47
C ASP A 80 21.72 2.08 13.02
N VAL A 81 23.03 2.05 12.79
CA VAL A 81 23.58 2.20 11.43
C VAL A 81 23.42 0.91 10.63
N GLN A 82 23.63 -0.21 11.30
CA GLN A 82 23.53 -1.55 10.70
C GLN A 82 24.41 -1.69 9.46
N PRO A 83 25.74 -1.61 9.65
CA PRO A 83 26.61 -1.87 8.51
C PRO A 83 26.55 -3.36 8.19
N PHE A 84 26.78 -3.72 6.93
CA PHE A 84 26.65 -5.09 6.49
C PHE A 84 27.66 -5.96 7.22
N LEU A 85 28.92 -5.58 7.10
CA LEU A 85 30.00 -6.12 7.91
C LEU A 85 30.53 -4.97 8.75
N PRO A 86 30.94 -5.25 10.00
CA PRO A 86 31.41 -4.17 10.88
C PRO A 86 32.75 -3.62 10.38
N VAL A 87 32.64 -2.71 9.41
CA VAL A 87 33.75 -2.15 8.65
C VAL A 87 33.50 -0.67 8.48
N LEU A 88 34.43 0.14 8.97
CA LEU A 88 34.34 1.60 8.89
C LEU A 88 35.61 2.18 8.27
N ARG A 89 35.44 2.98 7.22
CA ARG A 89 36.53 3.59 6.48
C ARG A 89 36.50 5.10 6.70
N LEU A 90 37.67 5.69 6.93
CA LEU A 90 37.78 7.14 7.07
C LEU A 90 38.05 7.76 5.71
N VAL A 91 37.23 8.74 5.34
CA VAL A 91 37.42 9.49 4.10
C VAL A 91 37.31 10.97 4.38
N ALA A 92 37.58 11.77 3.35
CA ALA A 92 37.56 13.23 3.47
C ALA A 92 36.14 13.73 3.64
N ARG A 93 35.97 14.67 4.56
CA ARG A 93 34.68 15.26 4.90
C ARG A 93 34.07 16.07 3.75
N GLU A 94 34.90 16.84 3.05
CA GLU A 94 34.42 17.73 1.97
C GLU A 94 33.97 16.95 0.72
N GLY A 95 33.22 17.67 -0.13
CA GLY A 95 32.46 17.10 -1.26
C GLY A 95 31.05 17.69 -1.26
N ASP A 96 30.19 17.21 -2.15
CA ASP A 96 28.77 17.56 -2.10
C ASP A 96 28.06 16.58 -1.14
N ARG A 97 28.06 16.95 0.14
CA ARG A 97 27.45 16.13 1.19
C ARG A 97 25.92 16.00 1.09
N VAL A 98 25.26 17.02 0.53
CA VAL A 98 23.79 17.07 0.53
C VAL A 98 23.18 15.98 -0.36
N LYS A 99 23.66 15.88 -1.60
CA LYS A 99 23.18 14.87 -2.55
C LYS A 99 23.52 13.44 -2.11
N LYS A 100 24.76 13.23 -1.67
CA LYS A 100 25.21 11.93 -1.16
C LYS A 100 24.43 11.45 0.06
N LEU A 101 24.13 12.36 0.99
CA LEU A 101 23.37 12.02 2.22
C LEU A 101 21.91 11.69 1.93
N ILE A 102 21.28 12.48 1.05
CA ILE A 102 19.89 12.26 0.65
C ILE A 102 19.73 10.92 -0.07
N ASN A 103 20.64 10.61 -0.99
CA ASN A 103 20.61 9.36 -1.75
C ASN A 103 20.71 8.16 -0.82
N SER A 104 21.64 8.25 0.14
CA SER A 104 21.79 7.23 1.18
C SER A 104 20.50 7.01 1.97
N GLN A 105 20.00 8.09 2.55
CA GLN A 105 18.80 8.04 3.39
C GLN A 105 17.56 7.59 2.60
N ILE A 106 17.45 7.99 1.33
CA ILE A 106 16.38 7.49 0.45
C ILE A 106 16.42 5.97 0.28
N SER A 107 17.62 5.39 0.14
CA SER A 107 17.78 3.94 -0.01
C SER A 107 17.30 3.18 1.23
N LEU A 108 17.77 3.61 2.39
CA LEU A 108 17.36 3.00 3.67
C LEU A 108 15.85 3.17 3.96
N LEU A 109 15.26 4.25 3.44
CA LEU A 109 13.88 4.61 3.72
C LEU A 109 12.87 3.84 2.87
N ILE A 110 13.11 3.75 1.56
CA ILE A 110 12.19 3.02 0.64
C ILE A 110 12.37 1.49 0.66
N GLY A 111 13.39 0.99 1.36
CA GLY A 111 13.67 -0.45 1.42
C GLY A 111 14.17 -1.03 0.10
N LYS A 112 14.81 -0.19 -0.71
CA LYS A 112 15.43 -0.60 -1.96
C LYS A 112 16.54 0.39 -2.30
N GLY A 113 17.76 -0.14 -2.46
CA GLY A 113 18.92 0.67 -2.82
C GLY A 113 18.77 1.27 -4.21
N LEU A 114 19.11 2.55 -4.35
CA LEU A 114 18.97 3.26 -5.64
C LEU A 114 19.85 2.70 -6.75
N HIS A 115 20.96 2.08 -6.37
CA HIS A 115 21.85 1.40 -7.31
C HIS A 115 21.13 0.32 -8.13
N GLU A 116 20.14 -0.32 -7.52
CA GLU A 116 19.36 -1.35 -8.21
C GLU A 116 18.60 -0.80 -9.42
N PHE A 117 18.19 0.47 -9.36
CA PHE A 117 17.60 1.17 -10.54
C PHE A 117 18.62 1.36 -11.67
N ASP A 118 19.85 1.72 -11.30
CA ASP A 118 20.94 1.87 -12.26
C ASP A 118 21.30 0.54 -12.92
N SER A 119 21.53 -0.48 -12.09
CA SER A 119 21.80 -1.87 -12.51
C SER A 119 20.95 -2.40 -13.67
N LEU A 120 19.68 -1.98 -13.72
CA LEU A 120 18.76 -2.39 -14.79
C LEU A 120 19.17 -1.91 -16.18
N CYS A 121 19.88 -0.78 -16.25
CA CYS A 121 20.30 -0.15 -17.52
C CYS A 121 19.10 0.06 -18.45
N ASP A 122 18.04 0.63 -17.89
CA ASP A 122 16.79 0.87 -18.60
C ASP A 122 16.64 2.38 -18.84
N PRO A 123 16.57 2.81 -20.11
CA PRO A 123 16.25 4.21 -20.45
C PRO A 123 14.96 4.76 -19.81
N GLU A 124 13.90 3.94 -19.74
CA GLU A 124 12.63 4.36 -19.15
C GLU A 124 12.75 4.69 -17.67
N VAL A 125 13.51 3.87 -16.95
CA VAL A 125 13.81 4.11 -15.54
C VAL A 125 14.63 5.39 -15.42
N ASN A 126 15.68 5.48 -16.23
CA ASN A 126 16.61 6.62 -16.18
C ASN A 126 15.96 7.96 -16.54
N ASP A 127 15.08 7.95 -17.54
CA ASP A 127 14.32 9.16 -17.91
C ASP A 127 13.32 9.56 -16.83
N PHE A 128 12.62 8.57 -16.25
CA PHE A 128 11.64 8.81 -15.19
C PHE A 128 12.31 9.51 -14.01
N ARG A 129 13.38 8.90 -13.52
CA ARG A 129 14.16 9.46 -12.42
C ARG A 129 14.62 10.87 -12.77
N ALA A 130 15.17 11.03 -13.96
CA ALA A 130 15.65 12.35 -14.41
C ALA A 130 14.52 13.38 -14.41
N LYS A 131 13.36 13.03 -14.95
CA LYS A 131 12.22 13.97 -15.06
C LYS A 131 11.57 14.26 -13.71
N MET A 132 11.24 13.22 -12.97
CA MET A 132 10.44 13.35 -11.76
C MET A 132 11.22 13.98 -10.61
N CYS A 133 12.45 13.53 -10.40
CA CYS A 133 13.31 14.08 -9.35
C CYS A 133 13.51 15.59 -9.50
N GLN A 134 13.67 16.05 -10.74
CA GLN A 134 13.77 17.49 -11.01
C GLN A 134 12.46 18.23 -10.70
N PHE A 135 11.33 17.68 -11.17
CA PHE A 135 10.01 18.27 -10.93
C PHE A 135 9.71 18.40 -9.43
N CYS A 136 10.01 17.35 -8.67
CA CYS A 136 9.83 17.34 -7.23
C CYS A 136 10.79 18.32 -6.55
N GLU A 137 12.08 18.26 -6.90
CA GLU A 137 13.07 19.21 -6.38
C GLU A 137 12.65 20.66 -6.67
N GLU A 138 12.09 20.89 -7.86
CA GLU A 138 11.57 22.21 -8.25
C GLU A 138 10.42 22.69 -7.38
N ALA A 139 9.45 21.82 -7.10
CA ALA A 139 8.33 22.15 -6.21
C ALA A 139 8.76 22.42 -4.77
N ALA A 140 9.82 21.74 -4.32
CA ALA A 140 10.35 21.89 -2.96
C ALA A 140 11.07 23.23 -2.77
N ALA A 141 11.84 23.64 -3.77
CA ALA A 141 12.54 24.94 -3.76
C ALA A 141 11.54 26.09 -3.85
N ARG A 142 10.56 25.94 -4.74
CA ARG A 142 9.47 26.90 -4.89
C ARG A 142 8.65 27.07 -3.60
N ARG A 143 8.40 25.96 -2.91
CA ARG A 143 7.75 25.96 -1.60
C ARG A 143 8.54 26.76 -0.56
N GLN A 144 9.87 26.61 -0.58
CA GLN A 144 10.74 27.16 0.46
C GLN A 144 10.79 28.70 0.48
N GLN A 145 10.59 29.33 -0.67
CA GLN A 145 10.59 30.80 -0.75
C GLN A 145 9.30 31.43 -0.17
N LEU A 146 8.17 30.74 -0.35
CA LEU A 146 6.83 31.24 0.02
C LEU A 146 6.66 31.51 1.53
N GLY A 147 5.57 32.23 1.85
CA GLY A 147 5.33 32.70 3.21
C GLY A 147 4.92 31.64 4.23
N TRP A 148 4.96 32.03 5.50
CA TRP A 148 4.56 31.16 6.62
C TRP A 148 3.07 30.80 6.60
N GLU A 149 2.25 31.65 5.98
CA GLU A 149 0.83 31.35 5.75
C GLU A 149 0.69 30.14 4.83
N ALA A 150 1.32 30.23 3.66
CA ALA A 150 1.35 29.15 2.67
C ALA A 150 2.00 27.88 3.19
N TRP A 151 3.09 28.03 3.93
CA TRP A 151 3.83 26.88 4.45
C TRP A 151 3.07 26.12 5.55
N LEU A 152 2.35 26.84 6.40
CA LEU A 152 1.51 26.22 7.44
C LEU A 152 0.36 25.42 6.79
N GLN A 153 -0.13 25.91 5.65
CA GLN A 153 -1.15 25.21 4.85
C GLN A 153 -0.61 23.91 4.23
N TYR A 154 0.62 23.95 3.74
CA TYR A 154 1.31 22.75 3.26
C TYR A 154 1.56 21.78 4.40
N SER A 155 2.23 22.29 5.43
CA SER A 155 2.74 21.45 6.51
C SER A 155 1.63 20.89 7.38
N PHE A 156 0.68 21.74 7.75
CA PHE A 156 -0.40 21.36 8.67
C PHE A 156 -1.76 21.81 8.12
N PRO A 157 -2.25 21.11 7.07
CA PRO A 157 -3.51 21.49 6.45
C PRO A 157 -4.68 21.27 7.40
N LEU A 158 -5.75 22.02 7.19
CA LEU A 158 -6.85 22.09 8.16
C LEU A 158 -7.63 20.79 8.23
N GLN A 159 -7.94 20.39 9.48
CA GLN A 159 -8.79 19.24 9.75
C GLN A 159 -10.15 19.78 10.17
N LEU A 160 -11.03 19.98 9.19
CA LEU A 160 -12.40 20.46 9.42
C LEU A 160 -13.39 19.31 9.32
N GLU A 161 -14.54 19.47 9.96
CA GLU A 161 -15.67 18.56 9.80
C GLU A 161 -16.37 18.86 8.47
N PRO A 162 -17.09 17.87 7.88
CA PRO A 162 -17.86 18.10 6.64
C PRO A 162 -18.84 19.28 6.69
N SER A 163 -19.59 19.39 7.80
CA SER A 163 -20.50 20.52 8.07
C SER A 163 -21.46 20.87 6.93
N LEU A 174 -25.72 23.63 12.69
CA LEU A 174 -24.68 24.43 13.35
C LEU A 174 -25.31 25.45 14.31
N PRO A 175 -25.53 25.05 15.59
CA PRO A 175 -25.98 26.01 16.60
C PRO A 175 -24.91 27.04 16.98
N ASN A 176 -25.37 28.18 17.52
CA ASN A 176 -24.50 29.31 17.88
C ASN A 176 -24.32 29.48 19.41
N ARG A 177 -24.16 28.35 20.11
CA ARG A 177 -23.97 28.34 21.57
C ARG A 177 -22.55 28.73 21.98
N ALA A 178 -22.33 28.91 23.29
CA ALA A 178 -21.06 29.40 23.84
C ALA A 178 -20.56 28.60 25.05
N LEU A 179 -19.37 28.02 24.91
CA LEU A 179 -18.63 27.39 26.02
C LEU A 179 -17.18 27.90 26.04
N LEU A 180 -16.60 27.98 27.24
CA LEU A 180 -15.31 28.66 27.45
C LEU A 180 -14.10 27.94 26.85
N VAL A 181 -13.02 28.69 26.67
CA VAL A 181 -11.77 28.21 26.04
C VAL A 181 -10.55 28.61 26.88
N ASN A 182 -9.61 27.67 27.02
CA ASN A 182 -8.29 27.94 27.62
C ASN A 182 -7.29 28.27 26.52
N VAL A 183 -6.49 29.31 26.74
CA VAL A 183 -5.46 29.74 25.79
C VAL A 183 -4.19 30.14 26.56
N LYS A 184 -3.03 29.94 25.92
CA LYS A 184 -1.73 30.34 26.45
C LYS A 184 -0.78 30.77 25.32
N PHE A 185 0.42 31.21 25.71
CA PHE A 185 1.49 31.55 24.77
C PHE A 185 2.67 30.59 24.96
N GLU A 186 3.61 30.61 24.02
CA GLU A 186 4.70 29.63 23.97
C GLU A 186 5.79 29.98 24.99
N GLY A 187 6.15 29.00 25.82
CA GLY A 187 7.20 29.16 26.84
C GLY A 187 6.71 29.56 28.23
N SER A 188 5.53 30.18 28.32
CA SER A 188 5.00 30.69 29.58
C SER A 188 4.29 29.58 30.36
N GLU A 189 4.35 29.68 31.69
CA GLU A 189 3.64 28.76 32.59
C GLU A 189 2.16 29.10 32.68
N GLU A 190 1.86 30.39 32.87
CA GLU A 190 0.48 30.86 33.08
C GLU A 190 -0.39 30.77 31.83
N SER A 191 -1.71 30.71 32.05
CA SER A 191 -2.72 30.62 31.00
C SER A 191 -3.96 31.46 31.34
N PHE A 192 -4.75 31.76 30.32
CA PHE A 192 -5.92 32.64 30.45
C PHE A 192 -7.19 32.00 29.88
N THR A 193 -8.06 31.51 30.77
CA THR A 193 -9.37 30.96 30.39
C THR A 193 -10.34 32.13 30.16
N PHE A 194 -11.11 32.04 29.07
CA PHE A 194 -12.13 33.06 28.75
C PHE A 194 -13.28 32.52 27.90
N GLN A 195 -14.35 33.31 27.83
CA GLN A 195 -15.57 32.92 27.11
C GLN A 195 -15.39 33.09 25.60
N VAL A 196 -16.08 32.24 24.84
CA VAL A 196 -16.06 32.28 23.38
C VAL A 196 -17.28 31.52 22.84
N SER A 197 -17.88 32.02 21.77
CA SER A 197 -18.98 31.31 21.11
C SER A 197 -18.44 30.23 20.18
N THR A 198 -19.30 29.27 19.85
CA THR A 198 -18.96 28.19 18.92
C THR A 198 -18.72 28.70 17.49
N LYS A 199 -19.35 29.81 17.13
CA LYS A 199 -19.32 30.33 15.75
C LYS A 199 -18.34 31.51 15.52
N ASP A 200 -17.34 31.67 16.40
CA ASP A 200 -16.31 32.71 16.24
C ASP A 200 -15.18 32.26 15.30
N VAL A 201 -14.63 33.24 14.56
CA VAL A 201 -13.55 33.01 13.59
C VAL A 201 -12.21 33.14 14.34
N PRO A 202 -11.22 32.25 14.08
CA PRO A 202 -9.98 32.20 14.90
C PRO A 202 -9.19 33.52 15.01
N LEU A 203 -9.23 34.35 13.97
CA LEU A 203 -8.64 35.71 14.02
C LEU A 203 -9.15 36.52 15.20
N ALA A 204 -10.46 36.43 15.46
CA ALA A 204 -11.09 37.08 16.62
C ALA A 204 -10.62 36.50 17.95
N LEU A 205 -10.47 35.18 18.00
CA LEU A 205 -10.04 34.47 19.23
C LEU A 205 -8.65 34.88 19.70
N MET A 206 -7.75 35.13 18.75
CA MET A 206 -6.36 35.51 19.06
C MET A 206 -6.27 36.92 19.63
N ALA A 207 -6.98 37.86 19.01
CA ALA A 207 -7.05 39.25 19.49
C ALA A 207 -7.53 39.33 20.95
N CYS A 208 -8.54 38.52 21.27
CA CYS A 208 -9.05 38.37 22.64
C CYS A 208 -7.95 37.93 23.61
N ALA A 209 -7.22 36.89 23.22
CA ALA A 209 -6.11 36.36 24.03
C ALA A 209 -4.91 37.32 24.12
N LEU A 210 -4.64 38.06 23.03
CA LEU A 210 -3.55 39.04 22.99
C LEU A 210 -3.64 40.11 24.08
N ARG A 211 -4.86 40.46 24.48
CA ARG A 211 -5.10 41.25 25.69
C ARG A 211 -4.72 40.43 26.92
N LYS A 212 -3.41 40.41 27.22
CA LYS A 212 -2.87 39.67 28.35
C LYS A 212 -3.15 40.43 29.65
N LYS A 213 -2.55 41.61 29.79
CA LYS A 213 -2.85 42.54 30.89
C LYS A 213 -3.97 43.46 30.43
N ALA A 214 -3.72 44.17 29.33
CA ALA A 214 -4.70 45.05 28.69
C ALA A 214 -5.09 44.47 27.34
N ARG A 218 2.98 43.73 28.48
CA ARG A 218 3.40 45.00 29.07
C ARG A 218 2.51 46.15 28.60
N GLN A 219 2.41 46.30 27.27
CA GLN A 219 1.59 47.33 26.61
C GLN A 219 2.01 48.74 27.01
N GLN A 224 0.20 42.12 18.11
CA GLN A 224 -0.81 42.13 17.06
C GLN A 224 -1.23 40.68 16.69
N PRO A 225 -2.56 40.42 16.59
CA PRO A 225 -3.03 39.03 16.42
C PRO A 225 -2.84 38.37 15.04
N GLU A 226 -2.61 39.16 13.99
CA GLU A 226 -2.36 38.63 12.63
C GLU A 226 -0.92 38.10 12.44
N ASP A 227 -0.08 38.23 13.47
CA ASP A 227 1.27 37.65 13.49
C ASP A 227 1.32 36.28 14.16
N TYR A 228 0.14 35.71 14.47
CA TYR A 228 0.04 34.45 15.21
C TYR A 228 -0.89 33.43 14.54
N THR A 229 -0.79 32.18 14.98
CA THR A 229 -1.84 31.17 14.79
C THR A 229 -2.05 30.38 16.08
N LEU A 230 -3.24 29.81 16.21
CA LEU A 230 -3.56 28.95 17.35
C LEU A 230 -3.13 27.52 17.05
N GLN A 231 -2.44 26.89 18.00
CA GLN A 231 -2.05 25.48 17.93
C GLN A 231 -2.77 24.69 19.02
N VAL A 232 -3.29 23.52 18.69
CA VAL A 232 -3.84 22.61 19.69
C VAL A 232 -2.64 21.98 20.40
N ASN A 233 -2.38 22.40 21.63
CA ASN A 233 -1.14 21.98 22.33
C ASN A 233 -1.07 20.47 22.62
N GLY A 234 0.13 19.91 22.41
CA GLY A 234 0.36 18.46 22.44
C GLY A 234 0.24 17.76 21.10
N ARG A 235 -0.10 18.51 20.04
CA ARG A 235 -0.23 17.95 18.69
C ARG A 235 0.03 19.03 17.64
N HIS A 236 0.36 18.59 16.42
CA HIS A 236 0.55 19.50 15.29
C HIS A 236 -0.78 19.72 14.55
N GLU A 237 -1.71 20.39 15.22
CA GLU A 237 -3.00 20.78 14.62
C GLU A 237 -3.24 22.27 14.88
N TYR A 238 -3.48 23.02 13.80
CA TYR A 238 -3.51 24.47 13.85
C TYR A 238 -4.85 25.04 13.36
N LEU A 239 -5.48 25.88 14.20
CA LEU A 239 -6.72 26.55 13.87
C LEU A 239 -6.40 27.87 13.19
N TYR A 240 -6.82 28.02 11.93
CA TYR A 240 -6.61 29.24 11.16
C TYR A 240 -7.55 29.33 9.95
N GLY A 241 -7.57 30.50 9.31
CA GLY A 241 -8.36 30.72 8.10
C GLY A 241 -9.76 31.22 8.38
N SER A 242 -10.54 31.37 7.31
CA SER A 242 -11.90 31.94 7.38
C SER A 242 -12.97 30.87 7.65
N TYR A 243 -12.87 30.24 8.82
CA TYR A 243 -13.80 29.17 9.24
C TYR A 243 -14.16 29.38 10.72
N PRO A 244 -15.43 29.14 11.11
CA PRO A 244 -15.79 29.31 12.53
C PRO A 244 -15.22 28.20 13.40
N LEU A 245 -15.10 28.47 14.69
CA LEU A 245 -14.50 27.53 15.66
C LEU A 245 -15.16 26.12 15.66
N CYS A 246 -16.47 26.07 15.41
CA CYS A 246 -17.21 24.79 15.44
C CYS A 246 -16.93 23.86 14.25
N GLN A 247 -16.55 24.41 13.09
CA GLN A 247 -16.20 23.57 11.93
C GLN A 247 -14.90 22.76 12.09
N PHE A 248 -14.04 23.16 13.04
CA PHE A 248 -12.79 22.44 13.32
C PHE A 248 -13.08 21.17 14.11
N GLN A 249 -12.28 20.12 13.86
CA GLN A 249 -12.47 18.81 14.51
C GLN A 249 -12.22 18.84 16.02
N TYR A 250 -11.16 19.52 16.44
CA TYR A 250 -10.76 19.55 17.85
C TYR A 250 -11.80 20.24 18.74
N ILE A 251 -12.25 21.41 18.32
CA ILE A 251 -13.22 22.21 19.06
C ILE A 251 -14.59 21.51 19.05
N CYS A 252 -14.95 20.95 17.90
CA CYS A 252 -16.15 20.11 17.75
C CYS A 252 -16.09 18.88 18.66
N SER A 253 -14.92 18.23 18.70
CA SER A 253 -14.68 17.08 19.60
C SER A 253 -14.78 17.48 21.08
N CYS A 254 -14.21 18.64 21.41
CA CYS A 254 -14.26 19.20 22.77
C CYS A 254 -15.69 19.56 23.21
N LEU A 255 -16.43 20.23 22.33
CA LEU A 255 -17.80 20.67 22.60
C LEU A 255 -18.80 19.50 22.80
N HIS A 256 -18.66 18.45 21.99
CA HIS A 256 -19.52 17.27 22.07
C HIS A 256 -19.27 16.47 23.35
N SER A 257 -18.00 16.22 23.64
CA SER A 257 -17.57 15.58 24.90
C SER A 257 -17.79 16.48 26.13
N GLY A 258 -17.79 17.80 25.93
CA GLY A 258 -17.94 18.79 27.01
C GLY A 258 -16.63 19.33 27.54
N LEU A 259 -15.49 18.84 27.02
CA LEU A 259 -14.17 19.23 27.51
C LEU A 259 -13.81 20.67 27.16
N THR A 260 -12.93 21.26 27.96
CA THR A 260 -12.44 22.63 27.75
C THR A 260 -11.21 22.59 26.82
N PRO A 261 -11.30 23.23 25.62
CA PRO A 261 -10.18 23.20 24.69
C PRO A 261 -9.00 24.05 25.15
N HIS A 262 -7.82 23.44 25.22
CA HIS A 262 -6.57 24.14 25.48
C HIS A 262 -5.85 24.38 24.15
N LEU A 263 -5.73 25.66 23.77
CA LEU A 263 -4.97 26.07 22.59
C LEU A 263 -3.70 26.81 23.02
N THR A 264 -2.86 27.17 22.04
CA THR A 264 -1.62 27.91 22.27
C THR A 264 -1.34 28.88 21.13
N MET A 265 -1.11 30.14 21.47
CA MET A 265 -0.68 31.17 20.51
C MET A 265 0.77 30.93 20.12
N VAL A 266 1.05 30.97 18.81
CA VAL A 266 2.43 30.78 18.30
C VAL A 266 2.77 31.89 17.31
N HIS A 267 3.97 32.46 17.45
CA HIS A 267 4.42 33.61 16.66
C HIS A 267 4.79 33.21 15.23
N SER A 268 4.57 34.11 14.27
CA SER A 268 4.95 33.92 12.87
C SER A 268 6.45 33.63 12.67
N SER A 269 7.28 34.24 13.50
CA SER A 269 8.72 33.96 13.56
C SER A 269 9.01 32.50 13.95
N SER A 270 8.25 31.98 14.91
CA SER A 270 8.38 30.60 15.38
C SER A 270 7.99 29.55 14.32
N ILE A 271 7.05 29.91 13.45
CA ILE A 271 6.62 29.03 12.34
C ILE A 271 7.68 28.98 11.23
N LEU A 272 8.37 30.11 11.00
CA LEU A 272 9.52 30.15 10.09
C LEU A 272 10.68 29.28 10.58
N ALA A 273 10.87 29.20 11.91
CA ALA A 273 11.88 28.32 12.51
C ALA A 273 11.67 26.84 12.17
N MET A 274 10.40 26.41 12.07
CA MET A 274 10.06 25.08 11.58
C MET A 274 10.37 24.92 10.09
N ARG A 275 10.02 25.95 9.31
CA ARG A 275 10.18 25.94 7.85
C ARG A 275 11.64 25.87 7.40
N ASP A 276 12.52 26.62 8.05
CA ASP A 276 13.90 26.82 7.57
C ASP A 276 14.81 25.60 7.75
N GLU A 277 14.55 24.57 6.95
CA GLU A 277 15.42 23.42 6.78
C GLU A 277 15.61 23.26 5.26
N GLN A 278 16.86 23.32 4.80
CA GLN A 278 17.16 23.47 3.38
C GLN A 278 16.79 22.25 2.51
N SER A 279 16.77 22.48 1.20
CA SER A 279 16.40 21.46 0.19
C SER A 279 14.92 21.10 0.26
N SER A 304 3.33 7.43 -41.50
CA SER A 304 4.43 6.52 -41.81
C SER A 304 4.11 5.08 -41.37
N LEU A 305 3.74 4.94 -40.09
CA LEU A 305 3.34 3.64 -39.51
C LEU A 305 2.08 3.08 -40.17
N TRP A 306 1.14 3.95 -40.51
CA TRP A 306 -0.10 3.56 -41.18
C TRP A 306 0.07 3.07 -42.63
N SER A 307 1.26 3.27 -43.20
CA SER A 307 1.62 2.66 -44.50
C SER A 307 1.81 1.14 -44.38
N LEU A 308 2.38 0.67 -43.27
CA LEU A 308 2.76 -0.74 -43.11
C LEU A 308 1.56 -1.68 -42.95
N GLU A 309 0.96 -2.07 -44.07
CA GLU A 309 -0.19 -3.00 -44.10
C GLU A 309 0.18 -4.50 -44.08
N GLN A 310 1.45 -4.83 -43.85
CA GLN A 310 1.87 -6.22 -43.65
C GLN A 310 1.34 -6.72 -42.30
N PRO A 311 1.05 -8.04 -42.18
CA PRO A 311 0.41 -8.55 -40.97
C PRO A 311 1.38 -8.67 -39.79
N PHE A 312 0.88 -8.48 -38.57
CA PHE A 312 1.71 -8.59 -37.37
C PHE A 312 2.08 -10.04 -37.12
N ARG A 313 3.38 -10.28 -36.91
CA ARG A 313 3.90 -11.59 -36.53
C ARG A 313 5.05 -11.47 -35.54
N ILE A 314 5.42 -12.59 -34.93
CA ILE A 314 6.53 -12.64 -33.97
C ILE A 314 7.25 -14.00 -34.03
N GLU A 315 8.55 -13.97 -33.77
CA GLU A 315 9.38 -15.18 -33.81
C GLU A 315 9.58 -15.72 -32.39
N LEU A 316 8.83 -16.77 -32.05
CA LEU A 316 9.09 -17.54 -30.84
C LEU A 316 10.39 -18.32 -31.04
N ILE A 317 11.25 -18.35 -30.03
CA ILE A 317 12.55 -19.01 -30.15
C ILE A 317 12.72 -20.10 -29.10
N GLN A 318 12.85 -19.68 -27.85
CA GLN A 318 13.27 -20.58 -26.77
C GLN A 318 12.53 -20.26 -25.47
N GLY A 319 12.43 -21.28 -24.61
CA GLY A 319 12.05 -21.13 -23.21
C GLY A 319 13.27 -21.43 -22.36
N SER A 320 13.33 -20.83 -21.17
CA SER A 320 14.46 -21.04 -20.25
C SER A 320 13.97 -21.29 -18.83
N LYS A 321 14.69 -22.16 -18.12
CA LYS A 321 14.43 -22.49 -16.71
C LYS A 321 12.96 -22.89 -16.42
N VAL A 322 12.39 -23.69 -17.32
CA VAL A 322 11.02 -24.19 -17.17
C VAL A 322 11.03 -25.40 -16.24
N ASN A 323 10.07 -25.43 -15.31
CA ASN A 323 10.01 -26.44 -14.27
C ASN A 323 8.69 -27.22 -14.36
N ALA A 324 8.72 -28.32 -15.11
CA ALA A 324 7.50 -29.09 -15.42
C ALA A 324 7.73 -30.61 -15.45
N ASP A 325 6.61 -31.34 -15.49
CA ASP A 325 6.62 -32.81 -15.54
C ASP A 325 7.11 -33.26 -16.91
N GLU A 326 8.16 -34.09 -16.93
CA GLU A 326 8.80 -34.55 -18.17
C GLU A 326 7.89 -35.36 -19.12
N ARG A 327 6.82 -35.94 -18.57
CA ARG A 327 5.88 -36.76 -19.34
C ARG A 327 5.01 -35.94 -20.31
N MET A 328 4.56 -34.76 -19.86
CA MET A 328 3.77 -33.85 -20.68
C MET A 328 4.60 -33.17 -21.79
N LYS A 329 3.96 -32.30 -22.56
CA LYS A 329 4.63 -31.45 -23.57
C LYS A 329 4.20 -30.00 -23.43
N LEU A 330 5.07 -29.08 -23.84
CA LEU A 330 4.87 -27.63 -23.64
C LEU A 330 4.28 -26.93 -24.86
N VAL A 331 3.20 -26.17 -24.64
CA VAL A 331 2.62 -25.29 -25.65
C VAL A 331 2.69 -23.85 -25.13
N VAL A 332 2.90 -22.90 -26.04
CA VAL A 332 2.86 -21.47 -25.73
C VAL A 332 1.69 -20.85 -26.49
N GLN A 333 0.58 -20.60 -25.78
CA GLN A 333 -0.53 -19.82 -26.33
C GLN A 333 -0.18 -18.33 -26.23
N ALA A 334 -0.58 -17.56 -27.24
CA ALA A 334 -0.31 -16.12 -27.30
C ALA A 334 -1.45 -15.33 -27.93
N GLY A 335 -1.59 -14.08 -27.53
CA GLY A 335 -2.68 -13.20 -28.02
C GLY A 335 -2.39 -11.72 -27.86
N LEU A 336 -2.92 -10.91 -28.79
CA LEU A 336 -2.81 -9.46 -28.74
C LEU A 336 -4.05 -8.90 -28.02
N PHE A 337 -3.84 -7.83 -27.23
CA PHE A 337 -4.92 -7.23 -26.42
C PHE A 337 -4.85 -5.70 -26.36
N HIS A 338 -6.02 -5.10 -26.18
CA HIS A 338 -6.14 -3.69 -25.78
C HIS A 338 -7.11 -3.62 -24.60
N GLY A 339 -6.56 -3.60 -23.40
CA GLY A 339 -7.33 -3.69 -22.18
C GLY A 339 -7.87 -5.11 -22.02
N ASN A 340 -9.18 -5.24 -21.93
CA ASN A 340 -9.84 -6.53 -21.76
C ASN A 340 -10.02 -7.30 -23.06
N GLU A 341 -10.63 -6.63 -24.04
CA GLU A 341 -11.05 -7.28 -25.27
C GLU A 341 -9.85 -7.57 -26.18
N MET A 342 -9.94 -8.67 -26.94
CA MET A 342 -8.89 -9.06 -27.88
C MET A 342 -8.94 -8.20 -29.13
N LEU A 343 -7.79 -8.09 -29.79
CA LEU A 343 -7.68 -7.42 -31.09
C LEU A 343 -7.78 -8.41 -32.27
N CYS A 344 -7.49 -9.69 -32.02
CA CYS A 344 -7.62 -10.76 -33.02
C CYS A 344 -7.60 -12.15 -32.34
N LYS A 345 -7.70 -13.21 -33.14
CA LYS A 345 -7.72 -14.59 -32.62
C LYS A 345 -6.38 -15.01 -31.99
N THR A 346 -6.45 -15.94 -31.04
CA THR A 346 -5.28 -16.33 -30.23
C THR A 346 -4.52 -17.50 -30.86
N VAL A 347 -3.34 -17.21 -31.40
CA VAL A 347 -2.50 -18.21 -32.03
C VAL A 347 -1.80 -19.10 -31.00
N SER A 348 -1.39 -20.29 -31.43
CA SER A 348 -0.74 -21.29 -30.56
C SER A 348 0.47 -21.94 -31.25
N SER A 349 1.24 -22.70 -30.46
CA SER A 349 2.49 -23.33 -30.88
C SER A 349 2.36 -24.84 -30.96
N SER A 350 3.41 -25.49 -31.48
CA SER A 350 3.46 -26.95 -31.53
C SER A 350 3.82 -27.52 -30.14
N GLU A 351 3.46 -28.79 -29.92
CA GLU A 351 3.77 -29.50 -28.69
C GLU A 351 5.22 -29.99 -28.69
N VAL A 352 6.14 -29.11 -28.29
CA VAL A 352 7.54 -29.47 -28.04
C VAL A 352 7.61 -30.10 -26.65
N SER A 353 8.44 -31.12 -26.51
CA SER A 353 8.50 -31.91 -25.27
C SER A 353 9.08 -31.11 -24.08
N VAL A 354 8.68 -31.50 -22.87
CA VAL A 354 9.04 -30.78 -21.65
C VAL A 354 10.53 -30.91 -21.35
N CYS A 355 11.18 -29.77 -21.11
CA CYS A 355 12.51 -29.72 -20.54
C CYS A 355 12.73 -28.33 -19.92
N SER A 356 13.90 -28.11 -19.34
CA SER A 356 14.30 -26.78 -18.86
C SER A 356 14.44 -25.76 -20.00
N GLU A 357 14.92 -26.22 -21.15
CA GLU A 357 15.37 -25.35 -22.23
C GLU A 357 14.68 -25.70 -23.57
N PRO A 358 13.34 -25.59 -23.62
CA PRO A 358 12.62 -25.94 -24.86
C PRO A 358 12.91 -24.96 -26.00
N VAL A 359 12.96 -25.50 -27.23
CA VAL A 359 13.22 -24.71 -28.43
C VAL A 359 12.05 -24.83 -29.40
N TRP A 360 11.65 -23.71 -29.99
CA TRP A 360 10.51 -23.64 -30.91
C TRP A 360 10.93 -23.13 -32.29
N LYS A 361 11.54 -21.94 -32.32
CA LYS A 361 11.98 -21.27 -33.57
C LYS A 361 10.84 -21.08 -34.60
N GLN A 362 9.65 -20.72 -34.10
CA GLN A 362 8.43 -20.63 -34.91
C GLN A 362 8.08 -19.18 -35.23
N ARG A 363 7.53 -18.95 -36.42
CA ARG A 363 6.82 -17.71 -36.74
C ARG A 363 5.38 -17.85 -36.27
N LEU A 364 4.88 -16.85 -35.55
CA LEU A 364 3.48 -16.80 -35.13
C LEU A 364 2.82 -15.58 -35.78
N GLU A 365 1.92 -15.84 -36.74
CA GLU A 365 1.27 -14.80 -37.55
C GLU A 365 -0.15 -14.52 -37.05
N PHE A 366 -0.38 -13.28 -36.61
CA PHE A 366 -1.68 -12.87 -36.04
C PHE A 366 -2.57 -12.23 -37.10
N ASP A 367 -3.90 -12.32 -36.89
CA ASP A 367 -4.89 -11.76 -37.83
C ASP A 367 -5.13 -10.26 -37.56
N ILE A 368 -4.09 -9.47 -37.78
CA ILE A 368 -4.15 -8.01 -37.66
C ILE A 368 -2.88 -7.42 -38.27
N ASN A 369 -3.03 -6.29 -38.98
CA ASN A 369 -1.88 -5.59 -39.58
C ASN A 369 -1.08 -4.80 -38.56
N ILE A 370 0.12 -4.39 -38.95
CA ILE A 370 1.00 -3.56 -38.10
C ILE A 370 0.36 -2.19 -37.86
N CYS A 371 -0.18 -1.59 -38.92
CA CYS A 371 -0.88 -0.30 -38.84
C CYS A 371 -2.18 -0.34 -38.03
N ASP A 372 -2.85 -1.51 -38.02
CA ASP A 372 -4.09 -1.72 -37.24
C ASP A 372 -3.88 -1.75 -35.72
N LEU A 373 -2.65 -1.93 -35.25
CA LEU A 373 -2.34 -1.98 -33.82
C LEU A 373 -2.61 -0.62 -33.16
N PRO A 374 -3.37 -0.60 -32.04
CA PRO A 374 -3.54 0.66 -31.29
C PRO A 374 -2.29 1.04 -30.50
N ARG A 375 -2.30 2.24 -29.93
CA ARG A 375 -1.18 2.73 -29.11
C ARG A 375 -0.82 1.73 -28.01
N MET A 376 -1.82 1.31 -27.25
CA MET A 376 -1.62 0.43 -26.09
C MET A 376 -1.87 -1.05 -26.42
N ALA A 377 -1.36 -1.51 -27.57
CA ALA A 377 -1.45 -2.91 -27.95
C ALA A 377 -0.55 -3.74 -27.03
N ARG A 378 -1.08 -4.89 -26.60
CA ARG A 378 -0.51 -5.67 -25.52
C ARG A 378 -0.37 -7.14 -25.96
N LEU A 379 0.86 -7.57 -26.19
CA LEU A 379 1.14 -8.96 -26.55
C LEU A 379 1.24 -9.79 -25.27
N CYS A 380 0.42 -10.82 -25.16
CA CYS A 380 0.25 -11.59 -23.93
C CYS A 380 0.55 -13.07 -24.15
N PHE A 381 1.58 -13.57 -23.47
CA PHE A 381 2.00 -14.96 -23.57
C PHE A 381 1.58 -15.77 -22.36
N ALA A 382 1.34 -17.07 -22.59
CA ALA A 382 1.14 -18.03 -21.51
C ALA A 382 1.73 -19.38 -21.90
N LEU A 383 2.71 -19.85 -21.12
CA LEU A 383 3.29 -21.18 -21.30
C LEU A 383 2.41 -22.20 -20.59
N TYR A 384 1.99 -23.23 -21.33
CA TYR A 384 1.16 -24.32 -20.81
C TYR A 384 1.90 -25.65 -20.88
N ALA A 385 1.39 -26.64 -20.15
CA ALA A 385 1.83 -28.03 -20.23
C ALA A 385 0.61 -28.90 -20.54
N VAL A 386 0.66 -29.61 -21.67
CA VAL A 386 -0.48 -30.34 -22.22
C VAL A 386 -0.08 -31.77 -22.57
N ILE A 387 -1.05 -32.68 -22.57
CA ILE A 387 -0.86 -34.07 -23.01
C ILE A 387 -0.84 -34.08 -24.55
N GLU A 388 0.06 -34.89 -25.12
CA GLU A 388 0.39 -34.86 -26.57
C GLU A 388 -0.79 -35.06 -27.53
N LYS A 389 -1.75 -35.91 -27.14
CA LYS A 389 -2.86 -36.38 -28.00
C LYS A 389 -2.38 -37.39 -29.03
N ASP A 404 -5.36 -29.53 -18.52
CA ASP A 404 -4.44 -28.48 -18.97
C ASP A 404 -3.82 -27.71 -17.81
N CYS A 405 -2.52 -27.44 -17.93
CA CYS A 405 -1.73 -26.81 -16.88
C CYS A 405 -1.09 -25.51 -17.38
N PRO A 406 -1.65 -24.34 -17.01
CA PRO A 406 -0.89 -23.10 -17.20
C PRO A 406 0.33 -23.03 -16.28
N ILE A 407 1.51 -22.99 -16.88
CA ILE A 407 2.79 -22.94 -16.15
C ILE A 407 3.07 -21.50 -15.73
N ALA A 408 3.13 -20.62 -16.73
CA ALA A 408 3.52 -19.23 -16.51
C ALA A 408 2.96 -18.31 -17.58
N TRP A 409 3.06 -17.01 -17.35
CA TRP A 409 2.57 -15.98 -18.27
C TRP A 409 3.47 -14.75 -18.29
N ALA A 410 3.32 -13.94 -19.33
CA ALA A 410 4.07 -12.68 -19.47
C ALA A 410 3.44 -11.78 -20.53
N ASN A 411 3.32 -10.49 -20.22
CA ASN A 411 2.79 -9.50 -21.16
C ASN A 411 3.86 -8.53 -21.61
N LEU A 412 3.63 -7.92 -22.77
CA LEU A 412 4.61 -7.05 -23.41
C LEU A 412 3.89 -5.98 -24.24
N MET A 413 4.29 -4.72 -24.05
CA MET A 413 3.78 -3.61 -24.86
C MET A 413 4.58 -3.60 -26.16
N LEU A 414 3.85 -3.53 -27.27
CA LEU A 414 4.48 -3.54 -28.61
C LEU A 414 5.21 -2.22 -28.88
N PHE A 415 4.55 -1.11 -28.59
CA PHE A 415 5.19 0.21 -28.64
C PHE A 415 5.87 0.48 -27.30
N ASP A 416 6.97 1.23 -27.30
CA ASP A 416 7.70 1.58 -26.08
C ASP A 416 7.24 2.94 -25.53
N TYR A 417 7.84 3.37 -24.41
CA TYR A 417 7.46 4.63 -23.75
C TYR A 417 7.70 5.91 -24.59
N LYS A 418 8.63 5.85 -25.54
CA LYS A 418 8.85 6.95 -26.51
C LYS A 418 8.10 6.73 -27.84
N ASP A 419 6.97 6.02 -27.77
CA ASP A 419 6.07 5.77 -28.93
C ASP A 419 6.59 4.81 -30.02
N GLN A 420 7.79 4.26 -29.84
CA GLN A 420 8.44 3.47 -30.89
C GLN A 420 7.95 2.03 -30.87
N LEU A 421 7.59 1.50 -32.04
CA LEU A 421 7.25 0.09 -32.20
C LEU A 421 8.51 -0.74 -32.00
N LYS A 422 8.47 -1.66 -31.04
CA LYS A 422 9.66 -2.43 -30.65
C LYS A 422 10.12 -3.35 -31.77
N THR A 423 11.44 -3.56 -31.85
CA THR A 423 12.06 -4.42 -32.84
C THR A 423 13.15 -5.24 -32.16
N GLY A 424 13.38 -6.45 -32.67
CA GLY A 424 14.46 -7.31 -32.18
C GLY A 424 14.11 -8.15 -30.97
N GLU A 425 15.11 -8.83 -30.44
CA GLU A 425 14.91 -9.84 -29.39
C GLU A 425 14.54 -9.24 -28.04
N ARG A 426 13.60 -9.91 -27.37
CA ARG A 426 13.18 -9.58 -26.02
C ARG A 426 13.17 -10.87 -25.21
N CYS A 427 13.75 -10.82 -24.02
CA CYS A 427 13.75 -11.93 -23.08
C CYS A 427 12.73 -11.65 -21.97
N LEU A 428 11.51 -12.15 -22.14
CA LEU A 428 10.42 -11.91 -21.19
C LEU A 428 10.53 -12.90 -20.03
N TYR A 429 10.88 -12.40 -18.85
CA TYR A 429 10.95 -13.22 -17.65
C TYR A 429 9.53 -13.36 -17.10
N MET A 430 9.03 -14.60 -17.09
CA MET A 430 7.61 -14.86 -16.85
C MET A 430 7.23 -14.95 -15.38
N TRP A 431 5.93 -14.83 -15.15
CA TRP A 431 5.31 -14.93 -13.83
C TRP A 431 4.57 -16.26 -13.69
N PRO A 432 4.55 -16.86 -12.49
CA PRO A 432 3.78 -18.09 -12.33
C PRO A 432 2.29 -17.87 -12.44
N SER A 433 1.63 -18.74 -13.19
CA SER A 433 0.18 -18.72 -13.31
C SER A 433 -0.39 -19.37 -12.06
N VAL A 434 -1.33 -18.68 -11.42
CA VAL A 434 -2.04 -19.21 -10.25
C VAL A 434 -3.47 -19.50 -10.72
N PRO A 435 -3.97 -20.72 -10.50
CA PRO A 435 -5.31 -21.04 -10.99
C PRO A 435 -6.40 -20.33 -10.18
N ASP A 436 -7.40 -19.81 -10.89
CA ASP A 436 -8.56 -19.15 -10.28
C ASP A 436 -9.85 -19.70 -10.89
N GLU A 437 -11.00 -19.28 -10.34
CA GLU A 437 -12.32 -19.76 -10.78
C GLU A 437 -12.61 -19.44 -12.25
N LYS A 438 -12.31 -18.20 -12.67
CA LYS A 438 -12.45 -17.77 -14.07
C LYS A 438 -11.10 -17.94 -14.77
N GLY A 439 -10.71 -19.21 -14.97
CA GLY A 439 -9.40 -19.54 -15.53
C GLY A 439 -9.29 -19.22 -17.01
N GLU A 440 -8.84 -18.00 -17.32
CA GLU A 440 -8.67 -17.56 -18.70
C GLU A 440 -7.47 -18.24 -19.35
N LEU A 441 -7.41 -18.21 -20.67
CA LEU A 441 -6.28 -18.76 -21.43
C LEU A 441 -5.02 -17.92 -21.17
N LEU A 442 -5.15 -16.62 -21.39
CA LEU A 442 -4.09 -15.65 -21.17
C LEU A 442 -4.48 -14.74 -20.00
N ASN A 443 -3.54 -13.90 -19.57
CA ASN A 443 -3.74 -12.97 -18.46
C ASN A 443 -3.42 -11.53 -18.92
N PRO A 444 -4.34 -10.92 -19.68
CA PRO A 444 -4.10 -9.58 -20.22
C PRO A 444 -4.18 -8.46 -19.18
N THR A 445 -4.87 -8.69 -18.06
CA THR A 445 -4.93 -7.71 -16.95
C THR A 445 -3.72 -7.77 -16.01
N GLY A 446 -2.78 -8.69 -16.25
CA GLY A 446 -1.53 -8.75 -15.48
C GLY A 446 -0.57 -7.67 -15.92
N THR A 447 0.49 -7.48 -15.13
CA THR A 447 1.44 -6.38 -15.32
C THR A 447 2.38 -6.57 -16.53
N VAL A 448 2.83 -5.45 -17.09
CA VAL A 448 3.80 -5.39 -18.19
C VAL A 448 5.26 -5.57 -17.72
N ARG A 449 5.53 -5.21 -16.47
CA ARG A 449 6.90 -5.19 -15.95
C ARG A 449 7.49 -6.61 -15.89
N SER A 450 8.81 -6.70 -16.05
CA SER A 450 9.50 -8.00 -16.02
C SER A 450 9.56 -8.54 -14.59
N ASN A 451 9.60 -9.87 -14.47
CA ASN A 451 9.83 -10.52 -13.18
C ASN A 451 11.26 -10.17 -12.73
N PRO A 452 11.40 -9.53 -11.53
CA PRO A 452 12.73 -9.15 -11.06
C PRO A 452 13.67 -10.31 -10.69
N ASN A 453 13.14 -11.50 -10.46
CA ASN A 453 13.95 -12.70 -10.19
C ASN A 453 14.55 -13.26 -11.48
N THR A 454 15.39 -12.46 -12.14
CA THR A 454 15.99 -12.83 -13.42
C THR A 454 16.97 -14.02 -13.29
N ASP A 455 17.52 -14.22 -12.10
CA ASP A 455 18.44 -15.35 -11.85
C ASP A 455 17.75 -16.73 -11.95
N SER A 456 16.58 -16.87 -11.31
CA SER A 456 15.91 -18.19 -11.18
C SER A 456 14.55 -18.35 -11.89
N ALA A 457 13.89 -17.25 -12.24
CA ALA A 457 12.57 -17.33 -12.88
C ALA A 457 12.64 -17.77 -14.33
N ALA A 458 11.64 -18.52 -14.79
CA ALA A 458 11.52 -18.95 -16.19
C ALA A 458 11.38 -17.76 -17.14
N ALA A 459 11.68 -17.99 -18.41
CA ALA A 459 11.65 -16.92 -19.40
C ALA A 459 11.40 -17.43 -20.81
N LEU A 460 10.81 -16.57 -21.64
CA LEU A 460 10.50 -16.85 -23.05
C LEU A 460 11.28 -15.86 -23.89
N LEU A 461 12.17 -16.37 -24.74
CA LEU A 461 12.97 -15.57 -25.66
C LEU A 461 12.19 -15.43 -26.97
N ILE A 462 11.92 -14.19 -27.36
CA ILE A 462 11.17 -13.89 -28.59
C ILE A 462 11.95 -12.90 -29.45
N CYS A 463 11.40 -12.56 -30.62
CA CYS A 463 12.00 -11.57 -31.51
C CYS A 463 10.98 -10.95 -32.48
N LEU A 464 10.73 -9.66 -32.32
CA LEU A 464 9.84 -8.90 -33.20
C LEU A 464 10.61 -8.54 -34.47
N PRO A 465 9.94 -8.59 -35.65
CA PRO A 465 10.67 -8.41 -36.90
C PRO A 465 10.93 -6.95 -37.24
N GLU A 466 11.99 -6.70 -38.01
CA GLU A 466 12.32 -5.35 -38.50
C GLU A 466 11.36 -5.00 -39.64
N VAL A 467 10.42 -4.11 -39.36
CA VAL A 467 9.36 -3.74 -40.31
C VAL A 467 9.79 -2.74 -41.39
N ALA A 468 10.88 -2.01 -41.15
CA ALA A 468 11.40 -1.00 -42.10
C ALA A 468 12.84 -0.61 -41.75
N PRO A 469 13.61 -0.06 -42.74
CA PRO A 469 14.98 0.41 -42.46
C PRO A 469 15.03 1.57 -41.46
N HIS A 470 14.16 2.56 -41.66
CA HIS A 470 13.88 3.57 -40.63
C HIS A 470 12.91 2.97 -39.60
N PRO A 471 13.11 3.27 -38.31
CA PRO A 471 12.13 2.82 -37.31
C PRO A 471 10.82 3.60 -37.42
N VAL A 472 9.78 3.12 -36.73
CA VAL A 472 8.43 3.72 -36.80
C VAL A 472 7.87 3.99 -35.41
N TYR A 473 7.32 5.18 -35.23
CA TYR A 473 6.60 5.56 -34.01
C TYR A 473 5.09 5.49 -34.28
N TYR A 474 4.31 5.50 -33.20
CA TYR A 474 2.86 5.73 -33.32
C TYR A 474 2.69 7.21 -33.69
N PRO A 475 1.75 7.53 -34.60
CA PRO A 475 1.65 8.93 -35.05
C PRO A 475 1.31 9.93 -33.95
N ALA A 476 1.71 11.18 -34.15
CA ALA A 476 1.47 12.24 -33.18
C ALA A 476 0.00 12.68 -33.22
N LEU A 477 -0.40 13.41 -32.17
CA LEU A 477 -1.78 13.85 -31.99
C LEU A 477 -2.38 14.59 -33.19
N GLU A 478 -1.59 15.46 -33.83
CA GLU A 478 -2.08 16.28 -34.93
C GLU A 478 -2.38 15.45 -36.19
N LYS A 479 -1.55 14.44 -36.46
CA LYS A 479 -1.78 13.50 -37.55
C LYS A 479 -2.96 12.56 -37.28
N ILE A 480 -3.21 12.27 -36.00
CA ILE A 480 -4.40 11.51 -35.57
C ILE A 480 -5.66 12.37 -35.70
N LEU A 481 -5.59 13.62 -35.26
CA LEU A 481 -6.68 14.59 -35.42
C LEU A 481 -6.99 14.90 -36.89
N GLU A 482 -5.97 14.81 -37.76
CA GLU A 482 -6.14 15.08 -39.19
C GLU A 482 -7.05 14.04 -39.86
N LEU A 483 -6.62 12.78 -39.85
CA LEU A 483 -7.44 11.66 -40.32
C LEU A 483 -8.34 11.27 -39.14
N GLY A 484 -9.44 12.00 -38.99
CA GLY A 484 -10.23 11.97 -37.75
C GLY A 484 -11.38 12.97 -37.72
N ARG A 485 -11.16 14.14 -38.33
CA ARG A 485 -12.25 15.07 -38.67
C ARG A 485 -13.33 14.42 -39.55
N HIS A 486 -12.91 13.55 -40.46
CA HIS A 486 -13.79 12.98 -41.48
C HIS A 486 -14.64 11.85 -40.91
N THR A 493 -36.39 13.08 -31.40
CA THR A 493 -37.11 13.32 -32.65
C THR A 493 -36.90 12.21 -33.67
N GLU A 494 -35.64 11.79 -33.85
CA GLU A 494 -35.30 10.68 -34.76
C GLU A 494 -35.74 9.31 -34.22
N GLU A 495 -35.81 8.34 -35.12
CA GLU A 495 -35.97 6.92 -34.75
C GLU A 495 -34.71 6.42 -34.04
N GLU A 496 -33.55 6.81 -34.56
CA GLU A 496 -32.26 6.51 -33.95
C GLU A 496 -32.03 7.20 -32.59
N GLN A 497 -32.67 8.36 -32.39
CA GLN A 497 -32.54 9.14 -31.15
C GLN A 497 -33.23 8.48 -29.95
N LEU A 498 -34.43 7.94 -30.18
CA LEU A 498 -35.19 7.22 -29.14
C LEU A 498 -34.53 5.89 -28.74
N GLN A 499 -33.87 5.24 -29.71
CA GLN A 499 -33.12 4.00 -29.47
C GLN A 499 -31.91 4.24 -28.59
N LEU A 500 -31.10 5.25 -28.94
CA LEU A 500 -29.88 5.59 -28.21
C LEU A 500 -30.19 6.02 -26.77
N ARG A 501 -31.21 6.87 -26.59
CA ARG A 501 -31.71 7.24 -25.27
C ARG A 501 -32.01 6.00 -24.45
N GLU A 502 -32.79 5.09 -25.02
CA GLU A 502 -33.20 3.84 -24.34
C GLU A 502 -32.02 2.95 -23.94
N ILE A 503 -30.98 2.89 -24.78
CA ILE A 503 -29.78 2.11 -24.49
C ILE A 503 -28.94 2.75 -23.38
N LEU A 504 -28.73 4.06 -23.46
CA LEU A 504 -27.89 4.79 -22.49
C LEU A 504 -28.58 5.10 -21.15
N GLU A 505 -29.89 5.30 -21.17
CA GLU A 505 -30.67 5.47 -19.93
C GLU A 505 -30.70 4.21 -19.06
N ARG A 506 -30.64 3.04 -19.71
CA ARG A 506 -30.43 1.76 -19.02
C ARG A 506 -28.94 1.46 -18.96
N TYR A 513 -24.07 -4.80 -26.09
CA TYR A 513 -24.57 -5.86 -26.97
C TYR A 513 -24.32 -5.53 -28.43
N GLU A 514 -24.06 -6.56 -29.24
CA GLU A 514 -23.51 -6.41 -30.60
C GLU A 514 -24.33 -5.51 -31.55
N HIS A 515 -25.65 -5.59 -31.46
CA HIS A 515 -26.53 -4.70 -32.23
C HIS A 515 -26.42 -3.26 -31.72
N GLU A 516 -26.45 -3.11 -30.39
CA GLU A 516 -26.40 -1.80 -29.75
C GLU A 516 -25.04 -1.10 -29.92
N LYS A 517 -23.97 -1.88 -29.97
CA LYS A 517 -22.61 -1.34 -30.18
C LYS A 517 -22.45 -0.59 -31.50
N ASP A 518 -22.92 -1.20 -32.60
CA ASP A 518 -22.86 -0.58 -33.92
C ASP A 518 -23.76 0.65 -34.06
N LEU A 519 -24.83 0.72 -33.25
CA LEU A 519 -25.73 1.88 -33.22
C LEU A 519 -25.09 3.07 -32.52
N VAL A 520 -24.51 2.84 -31.35
CA VAL A 520 -23.82 3.89 -30.57
C VAL A 520 -22.64 4.47 -31.36
N TRP A 521 -21.96 3.61 -32.14
CA TRP A 521 -20.83 4.00 -32.99
C TRP A 521 -21.20 5.02 -34.06
N LYS A 522 -22.28 4.75 -34.81
CA LYS A 522 -22.78 5.68 -35.82
C LYS A 522 -23.23 7.01 -35.19
N LEU A 523 -23.95 6.91 -34.07
CA LEU A 523 -24.44 8.08 -33.31
C LEU A 523 -23.44 8.63 -32.28
N ARG A 524 -22.15 8.35 -32.48
CA ARG A 524 -21.10 8.76 -31.54
C ARG A 524 -21.01 10.28 -31.30
N HIS A 525 -21.35 11.08 -32.32
CA HIS A 525 -21.33 12.54 -32.18
C HIS A 525 -22.50 13.05 -31.33
N GLU A 526 -23.66 12.43 -31.46
CA GLU A 526 -24.81 12.76 -30.62
C GLU A 526 -24.63 12.30 -29.17
N VAL A 527 -23.79 11.30 -28.94
CA VAL A 527 -23.36 10.94 -27.58
C VAL A 527 -22.53 12.09 -27.00
N GLN A 528 -21.58 12.62 -27.77
CA GLN A 528 -20.75 13.76 -27.32
C GLN A 528 -21.60 14.98 -26.97
N GLU A 529 -22.62 15.27 -27.79
CA GLU A 529 -23.42 16.49 -27.62
C GLU A 529 -24.45 16.33 -26.50
N HIS A 530 -25.20 15.23 -26.52
CA HIS A 530 -26.35 15.04 -25.62
C HIS A 530 -26.18 14.02 -24.50
N PHE A 531 -25.13 13.18 -24.55
CA PHE A 531 -24.88 12.16 -23.52
C PHE A 531 -23.41 12.14 -23.10
N PRO A 532 -22.87 13.30 -22.67
CA PRO A 532 -21.44 13.39 -22.32
C PRO A 532 -21.02 12.39 -21.23
N GLU A 533 -21.90 12.18 -20.24
CA GLU A 533 -21.63 11.22 -19.16
C GLU A 533 -21.56 9.75 -19.57
N ALA A 534 -22.02 9.42 -20.79
CA ALA A 534 -21.90 8.06 -21.36
C ALA A 534 -20.65 7.88 -22.25
N LEU A 535 -19.53 8.48 -21.86
CA LEU A 535 -18.28 8.39 -22.63
C LEU A 535 -17.71 6.97 -22.55
N ALA A 536 -17.62 6.43 -21.33
CA ALA A 536 -17.13 5.08 -21.07
C ALA A 536 -17.77 4.03 -21.96
N ARG A 537 -19.11 4.08 -22.09
CA ARG A 537 -19.84 3.18 -22.98
C ARG A 537 -19.36 3.35 -24.43
N LEU A 538 -19.25 4.59 -24.88
CA LEU A 538 -18.77 4.89 -26.23
C LEU A 538 -17.33 4.42 -26.49
N LEU A 539 -16.50 4.43 -25.44
CA LEU A 539 -15.13 3.92 -25.56
C LEU A 539 -15.09 2.41 -25.77
N LEU A 540 -15.92 1.68 -25.02
CA LEU A 540 -15.97 0.21 -25.12
C LEU A 540 -16.53 -0.30 -26.46
N VAL A 541 -17.49 0.43 -27.04
CA VAL A 541 -18.07 0.03 -28.32
C VAL A 541 -17.14 0.31 -29.53
N THR A 542 -16.11 1.13 -29.33
CA THR A 542 -15.14 1.44 -30.37
C THR A 542 -14.30 0.21 -30.72
N LYS A 543 -14.08 -0.01 -32.02
CA LYS A 543 -13.25 -1.11 -32.50
C LYS A 543 -11.78 -0.68 -32.52
N TRP A 544 -11.04 -1.04 -31.47
CA TRP A 544 -9.63 -0.64 -31.33
C TRP A 544 -8.65 -1.39 -32.26
N ASN A 545 -9.12 -2.49 -32.85
CA ASN A 545 -8.34 -3.26 -33.84
C ASN A 545 -8.33 -2.69 -35.27
N LYS A 546 -9.02 -1.57 -35.51
CA LYS A 546 -8.98 -0.85 -36.79
C LYS A 546 -8.57 0.60 -36.52
N HIS A 547 -7.43 1.03 -37.06
CA HIS A 547 -6.85 2.35 -36.73
C HIS A 547 -7.66 3.56 -37.22
N GLU A 548 -8.53 3.34 -38.21
CA GLU A 548 -9.50 4.35 -38.65
C GLU A 548 -10.50 4.68 -37.52
N ASP A 549 -11.09 3.63 -36.94
CA ASP A 549 -12.03 3.78 -35.81
C ASP A 549 -11.37 4.46 -34.61
N VAL A 550 -10.13 4.07 -34.31
CA VAL A 550 -9.39 4.61 -33.17
C VAL A 550 -9.25 6.13 -33.28
N ALA A 551 -8.82 6.60 -34.44
CA ALA A 551 -8.60 8.04 -34.67
C ALA A 551 -9.89 8.85 -34.52
N GLN A 552 -10.98 8.33 -35.09
CA GLN A 552 -12.30 8.98 -34.98
C GLN A 552 -12.78 9.15 -33.53
N MET A 553 -12.50 8.16 -32.70
CA MET A 553 -12.86 8.20 -31.27
C MET A 553 -11.97 9.19 -30.51
N LEU A 554 -10.66 9.10 -30.73
CA LEU A 554 -9.69 10.04 -30.13
C LEU A 554 -9.93 11.49 -30.56
N TYR A 555 -10.38 11.69 -31.80
CA TYR A 555 -10.78 13.02 -32.28
C TYR A 555 -11.93 13.60 -31.44
N LEU A 556 -12.93 12.77 -31.15
CA LEU A 556 -14.04 13.17 -30.29
C LEU A 556 -13.60 13.41 -28.85
N LEU A 557 -12.65 12.60 -28.38
CA LEU A 557 -12.17 12.68 -26.98
C LEU A 557 -11.48 14.02 -26.68
N CYS A 558 -10.70 14.52 -27.63
CA CYS A 558 -9.96 15.79 -27.47
C CYS A 558 -10.86 17.02 -27.36
N SER A 559 -12.05 16.94 -27.95
CA SER A 559 -13.08 17.99 -27.82
C SER A 559 -14.22 17.59 -26.87
N TRP A 560 -13.97 16.63 -25.98
CA TRP A 560 -15.03 16.10 -25.10
C TRP A 560 -15.19 17.00 -23.88
N PRO A 561 -16.45 17.31 -23.47
CA PRO A 561 -16.66 18.19 -22.31
C PRO A 561 -16.25 17.58 -20.98
N GLU A 562 -15.72 18.40 -20.09
CA GLU A 562 -15.24 17.97 -18.77
C GLU A 562 -16.36 17.29 -17.97
N LEU A 563 -16.07 16.09 -17.47
CA LEU A 563 -17.03 15.30 -16.70
C LEU A 563 -16.82 15.48 -15.20
N PRO A 564 -17.85 15.14 -14.38
CA PRO A 564 -17.66 15.21 -12.92
C PRO A 564 -16.74 14.12 -12.40
N VAL A 565 -16.26 14.30 -11.17
CA VAL A 565 -15.31 13.37 -10.51
C VAL A 565 -15.77 11.92 -10.62
N LEU A 566 -17.06 11.70 -10.38
CA LEU A 566 -17.63 10.35 -10.36
C LEU A 566 -17.41 9.59 -11.66
N SER A 567 -17.62 10.26 -12.80
CA SER A 567 -17.44 9.65 -14.12
C SER A 567 -15.96 9.40 -14.42
N ALA A 568 -15.10 10.34 -13.99
CA ALA A 568 -13.65 10.21 -14.15
C ALA A 568 -13.08 9.00 -13.40
N LEU A 569 -13.64 8.70 -12.24
CA LEU A 569 -13.24 7.53 -11.45
C LEU A 569 -13.46 6.22 -12.21
N GLU A 570 -14.56 6.12 -12.95
CA GLU A 570 -14.82 4.99 -13.85
C GLU A 570 -13.76 4.87 -14.94
N LEU A 571 -13.35 6.01 -15.51
CA LEU A 571 -12.40 6.02 -16.63
C LEU A 571 -10.97 5.58 -16.28
N LEU A 572 -10.62 5.60 -14.98
CA LEU A 572 -9.28 5.16 -14.53
C LEU A 572 -9.09 3.62 -14.50
N ASP A 573 -10.15 2.86 -14.76
CA ASP A 573 -10.10 1.38 -14.71
C ASP A 573 -9.32 0.75 -15.87
N PHE A 574 -8.80 -0.46 -15.64
CA PHE A 574 -8.11 -1.31 -16.65
C PHE A 574 -8.81 -1.50 -18.01
N SER A 575 -10.12 -1.34 -18.04
CA SER A 575 -10.89 -1.34 -19.31
C SER A 575 -10.61 -0.17 -20.27
N PHE A 576 -9.93 0.88 -19.79
CA PHE A 576 -9.67 2.09 -20.58
C PHE A 576 -8.17 2.41 -20.62
N PRO A 577 -7.36 1.52 -21.21
CA PRO A 577 -5.91 1.65 -21.12
C PRO A 577 -5.26 2.78 -21.93
N ASP A 578 -5.99 3.36 -22.89
CA ASP A 578 -5.45 4.42 -23.77
C ASP A 578 -5.02 5.65 -22.97
N CYS A 579 -3.87 6.22 -23.33
CA CYS A 579 -3.29 7.36 -22.61
C CYS A 579 -4.16 8.62 -22.67
N HIS A 580 -4.84 8.81 -23.80
CA HIS A 580 -5.69 9.98 -24.00
C HIS A 580 -6.91 9.95 -23.09
N VAL A 581 -7.38 8.75 -22.76
CA VAL A 581 -8.49 8.55 -21.83
C VAL A 581 -8.00 8.80 -20.42
N GLY A 582 -6.88 8.18 -20.07
CA GLY A 582 -6.22 8.37 -18.78
C GLY A 582 -5.94 9.83 -18.49
N SER A 583 -5.41 10.52 -19.50
CA SER A 583 -5.15 11.97 -19.40
C SER A 583 -6.45 12.75 -19.17
N PHE A 584 -7.51 12.39 -19.87
CA PHE A 584 -8.84 13.02 -19.69
C PHE A 584 -9.44 12.77 -18.29
N ALA A 585 -9.22 11.57 -17.76
CA ALA A 585 -9.71 11.21 -16.42
C ALA A 585 -9.05 12.09 -15.36
N ILE A 586 -7.71 12.17 -15.39
CA ILE A 586 -6.94 13.01 -14.45
C ILE A 586 -7.36 14.48 -14.57
N LYS A 587 -7.53 14.95 -15.79
CA LYS A 587 -7.97 16.31 -16.08
C LYS A 587 -9.24 16.67 -15.29
N SER A 588 -10.21 15.76 -15.29
CA SER A 588 -11.45 15.90 -14.51
C SER A 588 -11.29 15.66 -12.99
N LEU A 589 -10.17 15.12 -12.56
CA LEU A 589 -9.86 14.95 -11.13
C LEU A 589 -9.01 16.08 -10.53
N ARG A 590 -8.50 16.99 -11.36
CA ARG A 590 -7.78 18.18 -10.85
C ARG A 590 -8.69 19.15 -10.06
N LYS A 591 -9.99 19.11 -10.33
CA LYS A 591 -10.97 19.87 -9.54
C LYS A 591 -11.18 19.36 -8.09
N LEU A 592 -10.61 18.20 -7.74
CA LEU A 592 -10.69 17.67 -6.37
C LEU A 592 -10.07 18.59 -5.32
N THR A 593 -10.64 18.54 -4.11
CA THR A 593 -10.04 19.15 -2.92
C THR A 593 -9.23 18.08 -2.23
N ASP A 594 -8.29 18.51 -1.38
CA ASP A 594 -7.42 17.60 -0.64
C ASP A 594 -8.22 16.62 0.24
N ASP A 595 -9.29 17.10 0.87
CA ASP A 595 -10.15 16.24 1.73
C ASP A 595 -10.82 15.13 0.94
N GLU A 596 -11.43 15.49 -0.18
CA GLU A 596 -12.10 14.52 -1.05
C GLU A 596 -11.08 13.60 -1.73
N LEU A 597 -9.95 14.16 -2.16
CA LEU A 597 -8.86 13.39 -2.75
C LEU A 597 -8.31 12.34 -1.78
N PHE A 598 -8.21 12.73 -0.51
CA PHE A 598 -7.79 11.82 0.55
C PHE A 598 -8.75 10.64 0.73
N GLN A 599 -10.02 10.91 0.48
CA GLN A 599 -11.07 9.88 0.57
C GLN A 599 -10.92 8.80 -0.52
N TYR A 600 -10.16 9.08 -1.59
CA TYR A 600 -9.90 8.11 -2.67
C TYR A 600 -8.42 7.83 -2.92
N LEU A 601 -7.52 8.25 -2.02
CA LEU A 601 -6.08 8.08 -2.26
C LEU A 601 -5.67 6.60 -2.35
N LEU A 602 -6.33 5.74 -1.58
CA LEU A 602 -6.05 4.29 -1.64
C LEU A 602 -6.36 3.71 -3.02
N GLN A 603 -7.49 4.09 -3.59
CA GLN A 603 -7.92 3.54 -4.88
C GLN A 603 -6.99 3.98 -5.99
N LEU A 604 -6.67 5.28 -6.01
CA LEU A 604 -5.78 5.85 -7.03
C LEU A 604 -4.38 5.21 -7.04
N VAL A 605 -3.84 4.91 -5.85
CA VAL A 605 -2.58 4.20 -5.73
C VAL A 605 -2.66 2.80 -6.37
N GLN A 606 -3.74 2.07 -6.11
CA GLN A 606 -3.90 0.73 -6.69
C GLN A 606 -3.96 0.73 -8.22
N VAL A 607 -4.56 1.78 -8.79
CA VAL A 607 -4.67 1.97 -10.25
C VAL A 607 -3.30 2.13 -10.96
N LEU A 608 -2.27 2.56 -10.23
CA LEU A 608 -0.90 2.57 -10.77
C LEU A 608 -0.44 1.17 -11.24
N LYS A 609 -0.97 0.11 -10.63
CA LYS A 609 -0.64 -1.27 -11.00
C LYS A 609 -1.22 -1.69 -12.36
N TYR A 610 -2.15 -0.92 -12.90
CA TYR A 610 -2.67 -1.13 -14.26
C TYR A 610 -1.93 -0.32 -15.33
N GLU A 611 -1.11 0.64 -14.92
CA GLU A 611 -0.37 1.48 -15.86
C GLU A 611 0.60 0.67 -16.71
N SER A 612 0.86 1.15 -17.91
CA SER A 612 1.70 0.45 -18.86
C SER A 612 3.16 0.95 -18.76
N TYR A 613 3.31 2.26 -18.75
CA TYR A 613 4.60 2.93 -18.68
C TYR A 613 4.79 3.58 -17.31
N LEU A 614 6.05 3.80 -16.94
CA LEU A 614 6.40 4.37 -15.63
C LEU A 614 5.98 5.83 -15.52
N ASP A 615 6.39 6.62 -16.50
CA ASP A 615 6.02 8.03 -16.58
C ASP A 615 4.61 8.17 -17.17
N CYS A 616 3.63 8.38 -16.29
CA CYS A 616 2.23 8.58 -16.68
C CYS A 616 1.61 9.76 -15.94
N GLU A 617 0.47 10.24 -16.44
CA GLU A 617 -0.24 11.40 -15.85
C GLU A 617 -0.74 11.17 -14.41
N LEU A 618 -1.09 9.93 -14.07
CA LEU A 618 -1.57 9.60 -12.71
C LEU A 618 -0.45 9.68 -11.67
N THR A 619 0.77 9.29 -12.05
CA THR A 619 1.94 9.44 -11.18
C THR A 619 2.26 10.93 -10.97
N LYS A 620 2.19 11.71 -12.04
CA LYS A 620 2.42 13.16 -11.97
C LYS A 620 1.40 13.84 -11.07
N PHE A 621 0.12 13.46 -11.25
CA PHE A 621 -0.98 13.99 -10.44
C PHE A 621 -0.75 13.73 -8.95
N LEU A 622 -0.49 12.47 -8.61
CA LEU A 622 -0.29 12.07 -7.21
C LEU A 622 0.92 12.77 -6.57
N LEU A 623 2.01 12.91 -7.32
CA LEU A 623 3.18 13.63 -6.84
C LEU A 623 2.90 15.13 -6.69
N ASP A 624 2.21 15.72 -7.67
CA ASP A 624 1.75 17.12 -7.56
C ASP A 624 0.99 17.39 -6.26
N ARG A 625 0.00 16.54 -5.97
CA ARG A 625 -0.83 16.72 -4.77
C ARG A 625 -0.06 16.41 -3.50
N ALA A 626 0.80 15.40 -3.54
CA ALA A 626 1.64 15.02 -2.38
C ALA A 626 2.65 16.09 -1.96
N LEU A 627 3.13 16.87 -2.92
CA LEU A 627 4.07 17.96 -2.64
C LEU A 627 3.37 19.27 -2.23
N ALA A 628 2.09 19.42 -2.56
CA ALA A 628 1.30 20.57 -2.12
C ALA A 628 0.65 20.35 -0.76
N ASN A 629 0.60 19.09 -0.30
CA ASN A 629 -0.06 18.71 0.94
C ASN A 629 0.69 17.58 1.66
N ARG A 630 1.20 17.88 2.85
CA ARG A 630 2.04 16.95 3.61
C ARG A 630 1.30 15.71 4.14
N LYS A 631 0.01 15.85 4.46
CA LYS A 631 -0.82 14.71 4.89
C LYS A 631 -1.00 13.71 3.74
N ILE A 632 -1.35 14.23 2.56
CA ILE A 632 -1.46 13.40 1.36
C ILE A 632 -0.11 12.74 1.02
N GLY A 633 0.98 13.50 1.12
CA GLY A 633 2.33 12.96 0.96
C GLY A 633 2.64 11.84 1.95
N HIS A 634 2.22 12.03 3.19
CA HIS A 634 2.46 11.05 4.26
C HIS A 634 1.80 9.70 3.93
N PHE A 635 0.52 9.75 3.60
CA PHE A 635 -0.23 8.54 3.31
C PHE A 635 0.07 7.98 1.92
N LEU A 636 0.46 8.84 0.97
CA LEU A 636 1.01 8.34 -0.30
C LEU A 636 2.26 7.50 -0.02
N PHE A 637 3.18 8.04 0.78
CA PHE A 637 4.41 7.33 1.11
C PHE A 637 4.13 5.93 1.65
N TRP A 638 3.29 5.83 2.67
CA TRP A 638 3.02 4.54 3.33
C TRP A 638 2.27 3.56 2.43
N HIS A 639 1.31 4.08 1.64
CA HIS A 639 0.61 3.25 0.66
C HIS A 639 1.59 2.60 -0.31
N LEU A 640 2.59 3.36 -0.76
CA LEU A 640 3.63 2.82 -1.65
C LEU A 640 4.66 1.97 -0.89
N ARG A 641 5.10 2.44 0.28
CA ARG A 641 6.12 1.75 1.08
C ARG A 641 5.69 0.36 1.50
N SER A 642 4.47 0.26 2.01
CA SER A 642 3.93 -1.02 2.48
C SER A 642 3.74 -2.12 1.40
N GLU A 643 4.01 -1.81 0.13
CA GLU A 643 3.99 -2.79 -0.96
C GLU A 643 5.33 -2.98 -1.67
N MET A 644 6.41 -2.43 -1.10
CA MET A 644 7.74 -2.56 -1.71
C MET A 644 8.31 -4.00 -1.68
N HIS A 645 7.76 -4.86 -0.82
CA HIS A 645 8.06 -6.30 -0.84
C HIS A 645 7.46 -7.06 -2.03
N VAL A 646 6.48 -6.47 -2.71
CA VAL A 646 5.77 -7.13 -3.82
C VAL A 646 6.52 -6.90 -5.14
N PRO A 647 7.15 -7.95 -5.71
CA PRO A 647 7.97 -7.74 -6.91
C PRO A 647 7.25 -7.17 -8.15
N SER A 648 5.93 -7.34 -8.22
CA SER A 648 5.14 -6.76 -9.32
C SER A 648 5.24 -5.23 -9.37
N VAL A 649 5.28 -4.59 -8.20
CA VAL A 649 5.22 -3.14 -8.07
C VAL A 649 6.46 -2.49 -7.42
N ALA A 650 7.39 -3.31 -6.91
CA ALA A 650 8.59 -2.81 -6.24
C ALA A 650 9.35 -1.74 -7.03
N LEU A 651 9.50 -1.94 -8.35
CA LEU A 651 10.24 -0.98 -9.19
C LEU A 651 9.46 0.31 -9.38
N ARG A 652 8.16 0.20 -9.71
CA ARG A 652 7.33 1.38 -9.96
C ARG A 652 7.19 2.21 -8.71
N PHE A 653 6.77 1.57 -7.62
CA PHE A 653 6.57 2.25 -6.35
C PHE A 653 7.87 2.83 -5.81
N GLY A 654 8.97 2.07 -5.94
CA GLY A 654 10.29 2.53 -5.56
C GLY A 654 10.73 3.85 -6.18
N LEU A 655 10.36 4.05 -7.45
CA LEU A 655 10.72 5.27 -8.18
C LEU A 655 9.87 6.48 -7.77
N ILE A 656 8.61 6.25 -7.43
CA ILE A 656 7.72 7.33 -6.97
C ILE A 656 8.16 7.80 -5.59
N LEU A 657 8.35 6.84 -4.67
CA LEU A 657 8.89 7.13 -3.34
C LEU A 657 10.20 7.94 -3.41
N GLU A 658 11.07 7.57 -4.35
CA GLU A 658 12.31 8.30 -4.56
C GLU A 658 12.03 9.75 -4.98
N ALA A 659 11.17 9.92 -5.98
CA ALA A 659 10.78 11.25 -6.46
C ALA A 659 10.17 12.08 -5.34
N TYR A 660 9.27 11.48 -4.57
CA TYR A 660 8.60 12.15 -3.44
C TYR A 660 9.60 12.69 -2.42
N CYS A 661 10.49 11.80 -1.96
CA CYS A 661 11.51 12.12 -0.95
C CYS A 661 12.37 13.32 -1.33
N ARG A 662 12.77 13.37 -2.60
CA ARG A 662 13.57 14.47 -3.13
C ARG A 662 12.85 15.83 -3.12
N GLY A 663 11.53 15.80 -3.24
CA GLY A 663 10.71 17.00 -3.07
C GLY A 663 10.26 17.27 -1.64
N SER A 664 10.65 16.40 -0.70
CA SER A 664 10.14 16.43 0.67
C SER A 664 11.22 16.03 1.68
N THR A 665 12.41 16.62 1.57
CA THR A 665 13.50 16.27 2.48
C THR A 665 13.19 16.53 3.95
N HIS A 666 12.28 17.46 4.24
CA HIS A 666 11.84 17.72 5.61
C HIS A 666 10.99 16.57 6.17
N HIS A 667 9.91 16.22 5.46
CA HIS A 667 9.05 15.09 5.88
C HIS A 667 9.79 13.75 5.84
N MET A 668 10.81 13.65 4.99
CA MET A 668 11.71 12.50 4.92
C MET A 668 12.34 12.17 6.29
N LYS A 669 12.69 13.21 7.05
CA LYS A 669 13.27 13.05 8.39
C LYS A 669 12.25 12.52 9.40
N VAL A 670 10.98 12.88 9.23
CA VAL A 670 9.89 12.36 10.05
C VAL A 670 9.60 10.89 9.72
N LEU A 671 9.53 10.59 8.43
CA LEU A 671 9.28 9.21 7.97
C LEU A 671 10.42 8.25 8.35
N MET A 672 11.65 8.76 8.31
CA MET A 672 12.83 8.01 8.81
C MET A 672 12.60 7.53 10.25
N LYS A 673 12.25 8.45 11.14
CA LYS A 673 12.02 8.12 12.55
C LYS A 673 10.94 7.05 12.70
N GLN A 674 9.84 7.19 11.96
CA GLN A 674 8.74 6.22 11.96
C GLN A 674 9.19 4.83 11.51
N GLY A 675 9.91 4.76 10.40
CA GLY A 675 10.43 3.51 9.86
C GLY A 675 11.27 2.71 10.86
N GLU A 676 12.06 3.44 11.66
CA GLU A 676 12.92 2.83 12.67
C GLU A 676 12.17 2.38 13.92
N ALA A 677 11.10 3.09 14.27
CA ALA A 677 10.19 2.62 15.34
C ALA A 677 9.58 1.31 14.91
N LEU A 678 9.05 1.28 13.68
CA LEU A 678 8.48 0.08 13.08
C LEU A 678 9.48 -1.07 12.98
N SER A 679 10.74 -0.73 12.71
CA SER A 679 11.83 -1.71 12.65
C SER A 679 12.09 -2.36 14.01
N LYS A 680 12.07 -1.56 15.07
CA LYS A 680 12.29 -2.05 16.43
C LYS A 680 11.10 -2.87 16.92
N LEU A 681 9.88 -2.38 16.69
CA LEU A 681 8.65 -3.10 17.04
C LEU A 681 8.56 -4.50 16.40
N LYS A 682 8.99 -4.61 15.14
CA LYS A 682 9.06 -5.91 14.44
C LYS A 682 9.92 -6.88 15.24
N ALA A 683 11.12 -6.43 15.59
CA ALA A 683 12.04 -7.23 16.42
C ALA A 683 11.47 -7.51 17.81
N LEU A 684 10.82 -6.51 18.41
CA LEU A 684 10.19 -6.67 19.72
C LEU A 684 9.04 -7.68 19.70
N ASN A 685 8.24 -7.67 18.62
CA ASN A 685 7.13 -8.62 18.46
C ASN A 685 7.64 -10.05 18.21
N ASP A 686 8.73 -10.18 17.46
CA ASP A 686 9.37 -11.49 17.21
C ASP A 686 9.87 -12.14 18.50
N PHE A 687 10.43 -11.34 19.40
CA PHE A 687 10.87 -11.80 20.71
C PHE A 687 9.68 -12.28 21.55
N VAL A 688 8.64 -11.46 21.61
CA VAL A 688 7.39 -11.78 22.34
C VAL A 688 6.70 -13.03 21.76
N LYS A 689 6.66 -13.14 20.44
CA LYS A 689 6.18 -14.36 19.74
C LYS A 689 6.92 -15.63 20.20
N LEU A 690 8.24 -15.55 20.28
CA LEU A 690 9.08 -16.68 20.68
C LEU A 690 8.90 -17.02 22.16
N SER A 691 8.93 -16.00 23.00
CA SER A 691 8.77 -16.16 24.46
C SER A 691 7.35 -16.59 24.87
N SER A 692 6.34 -16.23 24.09
CA SER A 692 4.97 -16.70 24.31
C SER A 692 4.86 -18.23 24.18
N GLN A 693 5.60 -18.80 23.23
CA GLN A 693 5.73 -20.25 23.09
C GLN A 693 6.56 -20.87 24.23
N LYS A 694 7.63 -20.18 24.64
CA LYS A 694 8.56 -20.68 25.67
C LYS A 694 8.08 -20.54 27.12
N THR A 695 7.50 -19.38 27.46
CA THR A 695 7.13 -19.03 28.85
C THR A 695 5.69 -18.51 28.97
N PRO A 696 5.15 -18.43 30.21
CA PRO A 696 3.86 -17.74 30.43
C PRO A 696 3.90 -16.23 30.16
N LYS A 697 2.71 -15.64 30.03
CA LYS A 697 2.56 -14.23 29.60
C LYS A 697 3.12 -13.19 30.58
N PRO A 698 2.83 -13.32 31.90
CA PRO A 698 3.31 -12.32 32.88
C PRO A 698 4.82 -12.11 32.89
N GLN A 699 5.57 -13.21 32.79
CA GLN A 699 7.04 -13.15 32.66
C GLN A 699 7.47 -12.59 31.30
N THR A 700 6.74 -12.96 30.23
CA THR A 700 6.99 -12.44 28.89
C THR A 700 6.75 -10.93 28.82
N LYS A 701 5.69 -10.47 29.48
CA LYS A 701 5.38 -9.04 29.63
C LYS A 701 6.54 -8.28 30.28
N GLU A 702 7.20 -8.89 31.28
CA GLU A 702 8.37 -8.29 31.93
C GLU A 702 9.62 -8.31 31.03
N LEU A 703 9.87 -9.44 30.38
CA LEU A 703 11.00 -9.57 29.43
C LEU A 703 10.81 -8.69 28.18
N MET A 704 9.55 -8.40 27.83
CA MET A 704 9.23 -7.41 26.80
C MET A 704 9.63 -6.00 27.24
N HIS A 705 9.40 -5.69 28.51
CA HIS A 705 9.72 -4.37 29.05
C HIS A 705 11.22 -4.11 29.12
N LEU A 706 11.98 -5.09 29.64
CA LEU A 706 13.45 -4.97 29.70
C LEU A 706 14.08 -4.71 28.34
N CYS A 707 13.54 -5.32 27.29
CA CYS A 707 14.01 -5.06 25.92
C CYS A 707 13.70 -3.63 25.46
N MET A 708 12.56 -3.08 25.88
CA MET A 708 12.19 -1.69 25.58
C MET A 708 12.97 -0.66 26.40
N ARG A 709 13.44 -1.04 27.58
CA ARG A 709 14.24 -0.13 28.43
C ARG A 709 15.59 0.21 27.80
N GLN A 710 16.10 -0.69 26.96
CA GLN A 710 17.34 -0.48 26.20
C GLN A 710 17.27 0.85 25.46
N GLU A 711 18.33 1.65 25.59
CA GLU A 711 18.32 3.05 25.12
C GLU A 711 18.08 3.18 23.61
N ALA A 712 18.69 2.28 22.83
CA ALA A 712 18.48 2.19 21.38
C ALA A 712 17.02 1.91 21.01
N TYR A 713 16.35 1.06 21.80
CA TYR A 713 14.91 0.80 21.65
C TYR A 713 14.05 1.97 22.10
N LEU A 714 14.31 2.44 23.32
CA LEU A 714 13.51 3.48 23.96
C LEU A 714 13.53 4.78 23.17
N GLU A 715 14.73 5.21 22.74
CA GLU A 715 14.87 6.44 21.94
C GLU A 715 14.22 6.31 20.57
N ALA A 716 14.29 5.11 19.99
CA ALA A 716 13.67 4.83 18.69
C ALA A 716 12.14 4.82 18.78
N LEU A 717 11.60 4.20 19.83
CA LEU A 717 10.15 4.17 20.07
C LEU A 717 9.60 5.50 20.61
N SER A 718 10.46 6.41 21.06
CA SER A 718 10.01 7.67 21.66
C SER A 718 10.08 8.84 20.70
N HIS A 719 9.16 9.80 20.90
CA HIS A 719 9.18 11.13 20.27
C HIS A 719 9.21 11.09 18.74
N LEU A 720 8.09 10.64 18.19
CA LEU A 720 7.88 10.52 16.75
C LEU A 720 6.43 10.88 16.42
N GLN A 721 6.21 11.42 15.22
CA GLN A 721 4.85 11.58 14.70
C GLN A 721 4.25 10.20 14.41
N SER A 722 2.97 10.02 14.70
CA SER A 722 2.31 8.73 14.51
C SER A 722 2.13 8.49 13.03
N PRO A 723 2.47 7.27 12.54
CA PRO A 723 2.13 6.94 11.15
C PRO A 723 0.62 6.92 10.86
N LEU A 724 -0.19 6.60 11.87
CA LEU A 724 -1.65 6.61 11.75
C LEU A 724 -2.24 8.01 11.59
N ASP A 725 -1.54 9.02 12.13
CA ASP A 725 -1.97 10.41 12.03
C ASP A 725 -0.77 11.32 12.35
N PRO A 726 -0.20 11.96 11.32
CA PRO A 726 1.04 12.71 11.55
C PRO A 726 0.89 13.95 12.46
N SER A 727 -0.33 14.47 12.60
CA SER A 727 -0.59 15.56 13.55
C SER A 727 -0.49 15.07 15.02
N THR A 728 -0.88 13.81 15.26
CA THR A 728 -0.73 13.19 16.59
C THR A 728 0.74 12.94 16.89
N LEU A 729 1.21 13.42 18.04
CA LEU A 729 2.57 13.15 18.52
C LEU A 729 2.58 11.97 19.49
N LEU A 730 3.52 11.05 19.29
CA LEU A 730 3.81 9.99 20.23
C LEU A 730 5.11 10.39 20.94
N ALA A 731 4.99 10.94 22.15
CA ALA A 731 6.14 11.46 22.88
C ALA A 731 6.87 10.38 23.69
N GLU A 732 6.29 9.97 24.82
CA GLU A 732 6.96 9.12 25.80
C GLU A 732 6.21 7.81 25.98
N VAL A 733 6.86 6.69 25.71
CA VAL A 733 6.25 5.36 25.95
C VAL A 733 6.01 5.13 27.45
N CYS A 734 4.90 4.47 27.76
CA CYS A 734 4.55 4.07 29.12
C CYS A 734 4.78 2.56 29.22
N VAL A 735 6.03 2.20 29.49
CA VAL A 735 6.49 0.80 29.41
C VAL A 735 5.64 -0.13 30.29
N GLU A 736 5.29 0.33 31.49
CA GLU A 736 4.41 -0.43 32.38
C GLU A 736 3.03 -0.68 31.74
N GLN A 737 2.49 0.32 31.04
CA GLN A 737 1.20 0.19 30.34
C GLN A 737 1.29 -0.65 29.05
N CYS A 738 2.50 -0.80 28.51
CA CYS A 738 2.70 -1.60 27.30
C CYS A 738 2.56 -3.09 27.56
N THR A 739 1.94 -3.78 26.60
CA THR A 739 1.70 -5.22 26.69
C THR A 739 1.56 -5.80 25.28
N PHE A 740 1.17 -7.08 25.19
CA PHE A 740 0.75 -7.68 23.92
C PHE A 740 -0.59 -8.38 24.09
N MET A 741 -1.38 -8.39 23.02
CA MET A 741 -2.72 -8.97 23.02
C MET A 741 -2.68 -10.48 22.81
N ASP A 742 -3.64 -11.18 23.42
CA ASP A 742 -3.79 -12.62 23.24
C ASP A 742 -4.51 -12.84 21.91
N SER A 743 -3.76 -13.29 20.90
CA SER A 743 -4.26 -13.42 19.54
C SER A 743 -3.22 -14.18 18.72
N LYS A 744 -3.66 -14.81 17.63
CA LYS A 744 -2.80 -15.69 16.81
C LYS A 744 -1.45 -15.08 16.40
N MET A 745 -1.45 -13.78 16.08
CA MET A 745 -0.22 -13.05 15.69
C MET A 745 0.46 -12.27 16.82
N LYS A 746 -0.10 -12.33 18.04
CA LYS A 746 0.44 -11.68 19.24
C LYS A 746 0.79 -10.19 19.03
N PRO A 747 -0.23 -9.37 18.70
CA PRO A 747 0.03 -7.95 18.39
C PRO A 747 0.43 -7.15 19.64
N LEU A 748 1.42 -6.28 19.48
CA LEU A 748 1.89 -5.44 20.58
C LEU A 748 0.94 -4.28 20.84
N TRP A 749 0.73 -3.99 22.12
CA TRP A 749 -0.13 -2.90 22.59
C TRP A 749 0.81 -1.91 23.25
N ILE A 750 1.08 -0.81 22.56
CA ILE A 750 2.07 0.19 22.99
C ILE A 750 1.34 1.49 23.35
N MET A 751 1.59 1.99 24.57
CA MET A 751 0.92 3.20 25.09
C MET A 751 1.88 4.38 25.20
N TYR A 752 1.34 5.58 24.96
CA TYR A 752 2.12 6.82 24.89
C TYR A 752 1.53 7.94 25.74
N SER A 753 2.34 8.97 25.97
CA SER A 753 1.93 10.13 26.78
C SER A 753 2.82 11.34 26.53
N ASN A 754 2.22 12.52 26.38
CA ASN A 754 2.95 13.79 26.23
C ASN A 754 2.47 14.88 27.20
N GLU A 755 3.41 15.49 27.91
CA GLU A 755 3.10 16.52 28.92
C GLU A 755 2.63 17.87 28.32
N GLU A 756 2.87 18.07 27.02
CA GLU A 756 2.32 19.23 26.30
C GLU A 756 0.80 19.13 26.07
N ALA A 757 0.28 17.91 25.99
CA ALA A 757 -1.17 17.67 25.78
C ALA A 757 -1.97 17.84 27.08
N GLY A 758 -3.30 17.82 26.93
CA GLY A 758 -4.25 17.96 28.05
C GLY A 758 -4.97 16.66 28.38
N SER A 759 -6.28 16.79 28.67
CA SER A 759 -7.10 15.65 29.13
C SER A 759 -7.37 14.62 28.04
N GLY A 760 -7.12 13.35 28.35
CA GLY A 760 -7.25 12.26 27.38
C GLY A 760 -6.18 12.28 26.29
N GLY A 761 -5.01 12.87 26.60
CA GLY A 761 -3.88 12.91 25.67
C GLY A 761 -2.90 11.79 25.97
N SER A 762 -3.41 10.56 25.97
CA SER A 762 -2.64 9.35 26.27
C SER A 762 -2.95 8.31 25.18
N VAL A 763 -2.28 8.48 24.03
CA VAL A 763 -2.57 7.71 22.83
C VAL A 763 -2.00 6.29 22.93
N GLY A 764 -2.62 5.37 22.21
CA GLY A 764 -2.09 4.02 22.02
C GLY A 764 -1.97 3.64 20.54
N ILE A 765 -1.18 2.61 20.28
CA ILE A 765 -1.09 2.00 18.94
C ILE A 765 -0.99 0.49 19.08
N ILE A 766 -1.42 -0.23 18.06
CA ILE A 766 -1.29 -1.69 18.01
C ILE A 766 -0.40 -2.04 16.82
N PHE A 767 0.80 -2.52 17.10
CA PHE A 767 1.67 -3.08 16.05
C PHE A 767 1.24 -4.53 15.80
N LYS A 768 0.87 -4.83 14.56
CA LYS A 768 0.43 -6.17 14.17
C LYS A 768 1.31 -6.69 13.04
N ASN A 769 2.00 -7.80 13.27
CA ASN A 769 2.83 -8.45 12.27
C ASN A 769 2.41 -9.91 12.08
N GLY A 770 2.10 -10.29 10.84
CA GLY A 770 1.74 -11.66 10.49
C GLY A 770 0.50 -11.72 9.62
N ASP A 771 -0.49 -10.89 9.97
CA ASP A 771 -1.73 -10.77 9.22
C ASP A 771 -1.60 -9.63 8.20
N ASP A 772 -2.55 -9.57 7.26
CA ASP A 772 -2.60 -8.53 6.23
C ASP A 772 -3.76 -7.56 6.55
N LEU A 773 -3.41 -6.31 6.89
CA LEU A 773 -4.39 -5.31 7.36
C LEU A 773 -5.02 -4.44 6.26
N ARG A 774 -4.69 -4.70 4.99
CA ARG A 774 -5.26 -3.93 3.88
C ARG A 774 -6.77 -4.08 3.81
N GLN A 775 -7.25 -5.29 4.08
CA GLN A 775 -8.69 -5.59 4.15
C GLN A 775 -9.44 -4.72 5.17
N ASP A 776 -8.88 -4.58 6.37
CA ASP A 776 -9.45 -3.73 7.42
C ASP A 776 -9.42 -2.25 7.07
N MET A 777 -8.34 -1.79 6.42
CA MET A 777 -8.19 -0.38 6.04
C MET A 777 -9.28 0.06 5.06
N LEU A 778 -9.49 -0.75 4.02
CA LEU A 778 -10.55 -0.52 3.04
C LEU A 778 -11.93 -0.44 3.70
N THR A 779 -12.18 -1.34 4.64
CA THR A 779 -13.45 -1.36 5.37
C THR A 779 -13.62 -0.08 6.20
N LEU A 780 -12.55 0.33 6.87
CA LEU A 780 -12.57 1.55 7.69
C LEU A 780 -12.62 2.82 6.84
N GLN A 781 -11.96 2.79 5.67
CA GLN A 781 -12.07 3.87 4.69
C GLN A 781 -13.50 4.05 4.26
N MET A 782 -14.17 2.93 3.97
CA MET A 782 -15.56 2.96 3.49
C MET A 782 -16.57 3.35 4.58
N ILE A 783 -16.29 2.98 5.83
CA ILE A 783 -17.08 3.45 6.98
C ILE A 783 -16.88 4.95 7.19
N GLN A 784 -15.63 5.41 7.09
CA GLN A 784 -15.30 6.83 7.15
C GLN A 784 -16.03 7.60 6.04
N LEU A 785 -16.04 7.04 4.83
CA LEU A 785 -16.71 7.66 3.67
C LEU A 785 -18.20 7.81 3.91
N MET A 786 -18.84 6.73 4.40
CA MET A 786 -20.25 6.72 4.80
C MET A 786 -20.55 7.81 5.84
N ASP A 787 -19.70 7.90 6.86
CA ASP A 787 -19.82 8.93 7.92
C ASP A 787 -19.77 10.36 7.38
N VAL A 788 -18.94 10.60 6.36
CA VAL A 788 -18.87 11.91 5.70
C VAL A 788 -20.13 12.18 4.88
N LEU A 789 -20.60 11.17 4.15
CA LEU A 789 -21.85 11.26 3.37
C LEU A 789 -23.06 11.53 4.28
N TRP A 790 -23.09 10.86 5.43
CA TRP A 790 -24.15 11.06 6.43
C TRP A 790 -24.04 12.43 7.09
N LYS A 791 -22.84 12.82 7.48
CA LYS A 791 -22.60 14.16 8.06
C LYS A 791 -22.91 15.30 7.06
N GLN A 792 -22.78 15.03 5.76
CA GLN A 792 -23.15 16.00 4.71
C GLN A 792 -24.66 16.23 4.58
N GLU A 793 -25.48 15.32 5.13
CA GLU A 793 -26.93 15.54 5.25
C GLU A 793 -27.36 15.77 6.71
N GLY A 794 -26.45 16.26 7.55
CA GLY A 794 -26.76 16.59 8.95
C GLY A 794 -27.16 15.43 9.86
N LEU A 795 -26.67 14.24 9.54
CA LEU A 795 -26.89 13.03 10.32
C LEU A 795 -25.54 12.58 10.88
N ASP A 796 -25.29 12.89 12.15
CA ASP A 796 -24.09 12.41 12.83
C ASP A 796 -24.46 11.13 13.58
N LEU A 797 -23.89 10.00 13.14
CA LEU A 797 -24.17 8.70 13.74
C LEU A 797 -23.09 8.22 14.70
N ARG A 798 -22.23 9.12 15.17
CA ARG A 798 -21.26 8.83 16.23
C ARG A 798 -20.36 7.61 15.95
N MET A 799 -19.87 7.52 14.72
CA MET A 799 -19.06 6.38 14.28
C MET A 799 -17.66 6.47 14.89
N THR A 800 -16.93 5.36 14.82
CA THR A 800 -15.53 5.29 15.26
C THR A 800 -14.70 4.68 14.12
N PRO A 801 -14.46 5.47 13.05
CA PRO A 801 -13.65 5.01 11.93
C PRO A 801 -12.17 5.17 12.27
N TYR A 802 -11.69 4.29 13.15
CA TYR A 802 -10.37 4.41 13.75
C TYR A 802 -9.26 4.21 12.74
N GLY A 803 -8.07 4.69 13.09
CA GLY A 803 -6.89 4.59 12.24
C GLY A 803 -6.43 3.16 12.06
N CYS A 804 -6.04 2.83 10.83
CA CYS A 804 -5.47 1.53 10.49
C CYS A 804 -4.67 1.66 9.21
N LEU A 805 -3.39 1.33 9.27
CA LEU A 805 -2.44 1.57 8.17
C LEU A 805 -1.48 0.40 7.99
N PRO A 806 -1.57 -0.30 6.83
CA PRO A 806 -0.49 -1.19 6.45
C PRO A 806 0.79 -0.42 6.19
N THR A 807 1.89 -0.86 6.81
CA THR A 807 3.21 -0.23 6.69
C THR A 807 4.28 -1.11 6.04
N GLY A 808 4.07 -2.42 5.99
CA GLY A 808 5.08 -3.34 5.48
C GLY A 808 4.56 -4.70 5.08
N ASP A 809 5.48 -5.66 4.95
CA ASP A 809 5.14 -7.03 4.59
C ASP A 809 4.40 -7.73 5.72
N ARG A 810 3.07 -7.86 5.54
CA ARG A 810 2.16 -8.39 6.56
C ARG A 810 2.38 -7.67 7.88
N THR A 811 2.45 -6.34 7.82
CA THR A 811 2.76 -5.50 8.97
C THR A 811 1.99 -4.18 8.91
N GLY A 812 1.38 -3.79 10.03
CA GLY A 812 0.71 -2.49 10.14
C GLY A 812 0.50 -2.00 11.56
N LEU A 813 -0.06 -0.80 11.67
CA LEU A 813 -0.49 -0.21 12.93
C LEU A 813 -2.00 -0.05 12.92
N ILE A 814 -2.60 -0.13 14.10
CA ILE A 814 -4.03 0.08 14.31
C ILE A 814 -4.20 0.99 15.53
N GLU A 815 -5.10 1.97 15.42
CA GLU A 815 -5.29 2.97 16.46
C GLU A 815 -6.06 2.35 17.62
N VAL A 816 -5.48 2.39 18.81
CA VAL A 816 -6.16 1.98 20.02
C VAL A 816 -7.28 2.96 20.28
N VAL A 817 -8.48 2.46 20.56
CA VAL A 817 -9.64 3.27 20.96
C VAL A 817 -9.76 3.22 22.49
N LEU A 818 -9.46 4.34 23.13
CA LEU A 818 -9.42 4.43 24.60
C LEU A 818 -10.83 4.35 25.20
N ARG A 819 -10.87 4.04 26.50
CA ARG A 819 -12.12 4.00 27.28
C ARG A 819 -13.15 3.11 26.59
N SER A 820 -12.78 1.85 26.37
CA SER A 820 -13.65 0.88 25.69
C SER A 820 -13.32 -0.56 26.05
N ASP A 821 -14.31 -1.44 25.87
CA ASP A 821 -14.14 -2.89 26.05
C ASP A 821 -15.07 -3.65 25.11
N THR A 822 -14.79 -4.94 24.91
CA THR A 822 -15.62 -5.79 24.06
C THR A 822 -16.89 -6.18 24.80
N ILE A 823 -17.96 -6.39 24.05
CA ILE A 823 -19.27 -6.73 24.64
C ILE A 823 -19.24 -8.08 25.37
N ALA A 824 -18.39 -9.01 24.91
CA ALA A 824 -18.13 -10.26 25.63
C ALA A 824 -17.63 -9.99 27.05
N ASN A 825 -16.60 -9.14 27.16
CA ASN A 825 -15.99 -8.80 28.46
C ASN A 825 -16.96 -8.09 29.42
N ILE A 826 -17.74 -7.16 28.89
CA ILE A 826 -18.75 -6.43 29.68
C ILE A 826 -19.87 -7.35 30.19
N GLN A 827 -20.34 -8.23 29.30
CA GLN A 827 -21.35 -9.23 29.66
C GLN A 827 -20.80 -10.31 30.62
N LEU A 828 -19.55 -10.70 30.42
CA LEU A 828 -18.92 -11.76 31.23
C LEU A 828 -18.64 -11.31 32.68
N ASN A 829 -18.09 -10.10 32.83
CA ASN A 829 -17.69 -9.58 34.15
C ASN A 829 -18.85 -8.91 34.90
N LYS A 830 -18.90 -9.13 36.22
CA LYS A 830 -19.90 -8.52 37.10
C LYS A 830 -19.40 -7.18 37.67
N ASP A 842 -29.05 -7.09 30.04
CA ASP A 842 -29.12 -6.85 31.49
C ASP A 842 -27.87 -6.17 32.06
N ALA A 843 -26.70 -6.57 31.59
CA ALA A 843 -25.40 -6.09 32.09
C ALA A 843 -24.79 -4.97 31.22
N LEU A 844 -25.18 -4.93 29.94
CA LEU A 844 -24.74 -3.88 29.02
C LEU A 844 -25.28 -2.53 29.45
N LEU A 845 -26.57 -2.50 29.80
CA LEU A 845 -27.23 -1.30 30.32
C LEU A 845 -26.67 -0.87 31.70
N ASN A 846 -26.32 -1.85 32.53
CA ASN A 846 -25.65 -1.59 33.82
C ASN A 846 -24.24 -1.02 33.65
N TRP A 847 -23.50 -1.49 32.64
CA TRP A 847 -22.17 -0.98 32.36
C TRP A 847 -22.23 0.52 32.04
N LEU A 848 -23.14 0.89 31.14
CA LEU A 848 -23.33 2.30 30.78
C LEU A 848 -23.76 3.18 31.95
N LYS A 849 -24.54 2.63 32.87
CA LYS A 849 -24.92 3.34 34.11
C LYS A 849 -23.69 3.76 34.92
N SER A 850 -22.73 2.85 35.06
CA SER A 850 -21.48 3.15 35.80
C SER A 850 -20.62 4.21 35.11
N LYS A 851 -20.61 4.21 33.77
CA LYS A 851 -19.82 5.17 32.98
C LYS A 851 -20.56 6.48 32.70
N ASN A 852 -21.89 6.48 32.84
CA ASN A 852 -22.72 7.67 32.64
C ASN A 852 -23.78 7.78 33.74
N PRO A 853 -23.38 8.21 34.96
CA PRO A 853 -24.34 8.27 36.07
C PRO A 853 -25.36 9.40 35.95
N GLY A 854 -26.59 9.14 36.39
CA GLY A 854 -27.64 10.15 36.48
C GLY A 854 -28.06 10.79 35.16
N GLU A 855 -27.86 12.10 35.06
CA GLU A 855 -28.22 12.89 33.87
C GLU A 855 -27.50 12.40 32.61
N ALA A 856 -26.25 11.99 32.77
CA ALA A 856 -25.39 11.54 31.66
C ALA A 856 -25.89 10.32 30.90
N LEU A 857 -26.69 9.47 31.53
CA LEU A 857 -27.17 8.21 30.93
C LEU A 857 -27.96 8.36 29.63
N ASP A 858 -28.69 9.48 29.48
CA ASP A 858 -29.45 9.76 28.26
C ASP A 858 -28.57 10.06 27.05
N ARG A 859 -27.45 10.73 27.27
CA ARG A 859 -26.44 10.94 26.22
C ARG A 859 -25.91 9.59 25.72
N ALA A 860 -25.60 8.68 26.65
CA ALA A 860 -25.08 7.34 26.31
C ALA A 860 -26.01 6.50 25.42
N ILE A 861 -27.31 6.54 25.71
CA ILE A 861 -28.29 5.76 24.93
C ILE A 861 -28.44 6.32 23.51
N GLU A 862 -28.47 7.65 23.39
CA GLU A 862 -28.54 8.30 22.08
C GLU A 862 -27.24 8.03 21.28
N GLU A 863 -26.10 8.15 21.94
CA GLU A 863 -24.81 7.76 21.37
C GLU A 863 -24.81 6.30 20.92
N PHE A 864 -25.39 5.43 21.74
CA PHE A 864 -25.54 4.00 21.41
C PHE A 864 -26.44 3.81 20.19
N THR A 865 -27.61 4.43 20.24
CA THR A 865 -28.63 4.27 19.20
C THR A 865 -28.15 4.78 17.83
N LEU A 866 -27.52 5.95 17.82
CA LEU A 866 -26.99 6.54 16.58
C LEU A 866 -25.91 5.67 15.95
N SER A 867 -24.95 5.24 16.76
CA SER A 867 -23.89 4.33 16.32
C SER A 867 -24.42 2.96 15.95
N CYS A 868 -25.32 2.42 16.77
CA CYS A 868 -25.92 1.11 16.49
C CYS A 868 -26.63 1.09 15.13
N ALA A 869 -27.27 2.20 14.78
CA ALA A 869 -27.91 2.35 13.46
C ALA A 869 -26.89 2.36 12.33
N GLY A 870 -25.90 3.24 12.45
CA GLY A 870 -24.83 3.39 11.45
C GLY A 870 -24.04 2.11 11.18
N TYR A 871 -23.61 1.45 12.26
CA TYR A 871 -22.90 0.17 12.15
C TYR A 871 -23.80 -1.01 11.74
N CYS A 872 -25.12 -0.89 11.94
CA CYS A 872 -26.04 -1.89 11.38
C CYS A 872 -26.14 -1.76 9.87
N VAL A 873 -26.23 -0.52 9.39
CA VAL A 873 -26.31 -0.24 7.95
C VAL A 873 -24.97 -0.52 7.28
N ALA A 874 -23.89 0.01 7.85
CA ALA A 874 -22.54 -0.20 7.33
C ALA A 874 -22.23 -1.68 7.11
N THR A 875 -22.46 -2.48 8.14
CA THR A 875 -22.17 -3.93 8.07
C THR A 875 -23.04 -4.65 7.04
N TYR A 876 -24.30 -4.24 6.93
CA TYR A 876 -25.22 -4.83 5.95
C TYR A 876 -24.78 -4.56 4.51
N VAL A 877 -24.48 -3.30 4.22
CA VAL A 877 -24.10 -2.87 2.87
C VAL A 877 -22.82 -3.57 2.43
N LEU A 878 -21.78 -3.49 3.27
CA LEU A 878 -20.49 -4.11 2.98
C LEU A 878 -20.47 -5.65 3.14
N GLY A 879 -21.52 -6.21 3.72
CA GLY A 879 -21.66 -7.66 3.82
C GLY A 879 -20.70 -8.29 4.80
N ILE A 880 -20.48 -7.60 5.92
CA ILE A 880 -19.42 -7.99 6.85
C ILE A 880 -20.00 -9.02 7.80
N GLY A 881 -19.61 -10.27 7.60
CA GLY A 881 -20.04 -11.37 8.46
C GLY A 881 -19.09 -11.61 9.63
N ASP A 882 -19.36 -12.67 10.38
CA ASP A 882 -18.59 -13.07 11.56
C ASP A 882 -18.72 -12.05 12.71
N ARG A 883 -19.88 -11.41 12.80
CA ARG A 883 -20.17 -10.47 13.89
C ARG A 883 -20.50 -11.24 15.16
N HIS A 884 -19.86 -10.87 16.27
CA HIS A 884 -20.08 -11.52 17.56
C HIS A 884 -19.53 -10.69 18.73
N SER A 885 -19.84 -11.12 19.95
CA SER A 885 -19.58 -10.34 21.17
C SER A 885 -18.16 -9.78 21.31
N ASP A 886 -17.14 -10.57 21.01
CA ASP A 886 -15.74 -10.12 21.19
C ASP A 886 -15.10 -9.29 20.05
N ASN A 887 -15.82 -9.11 18.93
CA ASN A 887 -15.41 -8.13 17.88
C ASN A 887 -16.41 -6.98 17.67
N ILE A 888 -17.32 -6.80 18.63
CA ILE A 888 -18.17 -5.62 18.73
C ILE A 888 -17.79 -4.96 20.06
N MET A 889 -17.54 -3.67 20.01
CA MET A 889 -17.03 -2.92 21.16
C MET A 889 -17.90 -1.73 21.43
N ILE A 890 -17.79 -1.21 22.65
CA ILE A 890 -18.56 -0.04 23.07
C ILE A 890 -17.66 0.91 23.86
N ARG A 891 -17.77 2.19 23.56
CA ARG A 891 -17.03 3.24 24.27
C ARG A 891 -17.79 3.70 25.51
N GLU A 892 -17.06 4.24 26.50
CA GLU A 892 -17.67 4.78 27.72
C GLU A 892 -18.62 5.96 27.47
N SER A 893 -18.51 6.61 26.32
CA SER A 893 -19.50 7.60 25.87
C SER A 893 -20.85 6.99 25.48
N GLY A 894 -20.91 5.68 25.31
CA GLY A 894 -22.09 5.00 24.75
C GLY A 894 -21.93 4.52 23.31
N GLN A 895 -20.89 4.99 22.61
CA GLN A 895 -20.69 4.67 21.19
C GLN A 895 -20.33 3.21 20.94
N LEU A 896 -21.13 2.57 20.09
CA LEU A 896 -20.86 1.21 19.63
C LEU A 896 -19.97 1.27 18.41
N PHE A 897 -19.10 0.27 18.25
CA PHE A 897 -18.31 0.14 17.02
C PHE A 897 -17.78 -1.27 16.82
N HIS A 898 -17.62 -1.63 15.55
CA HIS A 898 -17.15 -2.95 15.14
C HIS A 898 -15.64 -2.92 14.89
N ILE A 899 -14.98 -4.07 15.03
CA ILE A 899 -13.54 -4.23 14.76
C ILE A 899 -13.24 -5.52 13.97
N ASP A 900 -11.99 -5.67 13.54
CA ASP A 900 -11.52 -6.89 12.86
C ASP A 900 -12.39 -7.27 11.65
N PHE A 901 -12.18 -6.55 10.55
CA PHE A 901 -12.95 -6.73 9.32
C PHE A 901 -12.17 -7.61 8.34
N GLY A 902 -11.91 -8.84 8.75
CA GLY A 902 -11.16 -9.79 7.91
C GLY A 902 -11.96 -10.37 6.76
N HIS A 903 -13.28 -10.43 6.91
CA HIS A 903 -14.18 -10.97 5.90
C HIS A 903 -15.28 -9.96 5.56
N PHE A 904 -15.58 -9.81 4.28
CA PHE A 904 -16.62 -8.87 3.81
C PHE A 904 -17.20 -9.26 2.44
N LEU A 905 -18.22 -8.54 2.01
CA LEU A 905 -19.01 -8.89 0.81
C LEU A 905 -19.59 -10.32 0.85
N GLY A 906 -20.08 -10.73 2.02
CA GLY A 906 -20.69 -12.04 2.22
C GLY A 906 -19.75 -13.19 2.55
N ASN A 907 -18.44 -12.98 2.42
CA ASN A 907 -17.46 -14.05 2.56
C ASN A 907 -17.21 -14.47 4.01
N PHE A 908 -16.50 -15.60 4.16
CA PHE A 908 -16.14 -16.17 5.46
C PHE A 908 -14.73 -16.75 5.38
N ARG A 916 -19.96 -15.12 -1.70
CA ARG A 916 -20.27 -16.36 -1.01
C ARG A 916 -21.78 -16.53 -0.79
N GLU A 917 -22.36 -15.69 0.08
CA GLU A 917 -23.82 -15.72 0.37
C GLU A 917 -24.29 -14.46 1.09
N ARG A 918 -25.50 -14.01 0.77
CA ARG A 918 -26.03 -12.74 1.31
C ARG A 918 -26.17 -12.75 2.84
N VAL A 919 -25.35 -11.93 3.50
CA VAL A 919 -25.44 -11.69 4.94
C VAL A 919 -26.73 -10.91 5.20
N PRO A 920 -27.62 -11.41 6.08
CA PRO A 920 -28.83 -10.63 6.33
C PRO A 920 -28.54 -9.40 7.18
N PHE A 921 -29.50 -8.46 7.18
CA PHE A 921 -29.48 -7.33 8.10
C PHE A 921 -29.73 -7.89 9.50
N ILE A 922 -28.99 -7.38 10.49
CA ILE A 922 -28.96 -7.97 11.83
C ILE A 922 -29.28 -6.95 12.93
N LEU A 923 -30.31 -7.26 13.72
CA LEU A 923 -30.62 -6.57 14.96
C LEU A 923 -30.40 -7.56 16.10
N THR A 924 -29.70 -7.11 17.15
CA THR A 924 -29.42 -7.93 18.32
C THR A 924 -30.36 -7.52 19.44
N TYR A 925 -30.92 -8.50 20.15
CA TYR A 925 -31.87 -8.23 21.24
C TYR A 925 -31.25 -7.36 22.32
N ASP A 926 -30.01 -7.68 22.70
CA ASP A 926 -29.28 -6.92 23.73
C ASP A 926 -29.08 -5.45 23.36
N PHE A 927 -28.91 -5.17 22.06
CA PHE A 927 -28.77 -3.79 21.58
C PHE A 927 -30.13 -3.08 21.56
N VAL A 928 -31.17 -3.80 21.14
CA VAL A 928 -32.52 -3.26 21.11
C VAL A 928 -33.03 -2.98 22.54
N HIS A 929 -32.60 -3.80 23.50
CA HIS A 929 -32.90 -3.58 24.92
C HIS A 929 -32.37 -2.23 25.43
N VAL A 930 -31.12 -1.93 25.09
CA VAL A 930 -30.49 -0.65 25.46
C VAL A 930 -31.21 0.50 24.78
N ILE A 931 -31.36 0.40 23.46
CA ILE A 931 -32.08 1.41 22.65
C ILE A 931 -33.44 1.80 23.25
N GLN A 932 -34.19 0.81 23.73
CA GLN A 932 -35.51 1.05 24.37
C GLN A 932 -35.45 1.47 25.86
N GLN A 933 -34.25 1.76 26.36
CA GLN A 933 -34.02 2.28 27.72
C GLN A 933 -34.40 1.26 28.81
N GLY A 934 -34.19 -0.02 28.50
CA GLY A 934 -34.49 -1.12 29.41
C GLY A 934 -35.91 -1.69 29.33
N LYS A 935 -36.79 -1.00 28.61
CA LYS A 935 -38.22 -1.35 28.57
C LYS A 935 -38.48 -2.50 27.60
N THR A 936 -39.64 -3.15 27.78
CA THR A 936 -40.13 -4.18 26.86
C THR A 936 -40.59 -3.50 25.57
N ASN A 937 -41.50 -2.53 25.71
CA ASN A 937 -42.01 -1.72 24.60
C ASN A 937 -41.69 -0.24 24.81
N ASN A 938 -40.91 0.32 23.89
CA ASN A 938 -40.62 1.75 23.82
C ASN A 938 -40.69 2.17 22.35
N SER A 939 -41.91 2.27 21.85
CA SER A 939 -42.17 2.50 20.42
C SER A 939 -41.54 3.79 19.91
N GLU A 940 -41.74 4.88 20.64
CA GLU A 940 -41.21 6.20 20.27
C GLU A 940 -39.71 6.17 19.99
N LYS A 941 -38.95 5.50 20.87
CA LYS A 941 -37.50 5.36 20.69
C LYS A 941 -37.17 4.44 19.53
N PHE A 942 -37.75 3.24 19.53
CA PHE A 942 -37.46 2.24 18.48
C PHE A 942 -37.80 2.75 17.06
N GLU A 943 -38.88 3.54 16.95
CA GLU A 943 -39.25 4.18 15.68
C GLU A 943 -38.17 5.14 15.17
N ARG A 944 -37.57 5.92 16.08
CA ARG A 944 -36.46 6.83 15.74
C ARG A 944 -35.23 6.06 15.24
N PHE A 945 -34.90 4.97 15.93
CA PHE A 945 -33.82 4.05 15.52
C PHE A 945 -34.08 3.45 14.13
N ARG A 946 -35.32 3.08 13.86
CA ARG A 946 -35.73 2.63 12.52
C ARG A 946 -35.54 3.75 11.49
N GLY A 947 -35.83 5.00 11.90
CA GLY A 947 -35.64 6.17 11.05
C GLY A 947 -34.17 6.41 10.72
N TYR A 948 -33.31 6.26 11.71
CA TYR A 948 -31.87 6.43 11.53
C TYR A 948 -31.30 5.40 10.56
N CYS A 949 -31.68 4.13 10.76
CA CYS A 949 -31.29 3.05 9.85
C CYS A 949 -31.79 3.29 8.42
N GLU A 950 -33.04 3.72 8.29
CA GLU A 950 -33.64 3.97 6.97
C GLU A 950 -33.01 5.17 6.26
N ARG A 951 -32.88 6.28 6.97
CA ARG A 951 -32.26 7.48 6.40
C ARG A 951 -30.81 7.23 5.99
N ALA A 952 -30.07 6.50 6.84
CA ALA A 952 -28.69 6.09 6.55
C ALA A 952 -28.64 5.26 5.27
N TYR A 953 -29.42 4.19 5.24
CA TYR A 953 -29.48 3.31 4.07
C TYR A 953 -29.82 4.07 2.78
N THR A 954 -30.77 5.00 2.87
CA THR A 954 -31.19 5.83 1.73
C THR A 954 -30.05 6.68 1.16
N ILE A 955 -29.33 7.38 2.05
CA ILE A 955 -28.24 8.29 1.66
C ILE A 955 -27.13 7.54 0.89
N LEU A 956 -26.79 6.35 1.35
CA LEU A 956 -25.77 5.51 0.67
C LEU A 956 -26.20 5.07 -0.74
N ARG A 957 -27.51 4.88 -0.96
CA ARG A 957 -28.02 4.55 -2.30
C ARG A 957 -27.82 5.71 -3.28
N ARG A 958 -28.13 6.93 -2.85
CA ARG A 958 -27.89 8.14 -3.65
C ARG A 958 -26.44 8.23 -4.16
N HIS A 959 -25.48 7.75 -3.35
CA HIS A 959 -24.06 7.71 -3.69
C HIS A 959 -23.57 6.30 -4.02
N GLY A 960 -24.43 5.48 -4.61
CA GLY A 960 -24.13 4.07 -4.86
C GLY A 960 -23.02 3.84 -5.88
N LEU A 961 -23.09 4.59 -6.99
CA LEU A 961 -22.08 4.51 -8.05
C LEU A 961 -20.68 4.87 -7.58
N LEU A 962 -20.57 5.75 -6.58
CA LEU A 962 -19.29 6.07 -5.96
C LEU A 962 -18.68 4.82 -5.33
N PHE A 963 -19.48 4.07 -4.59
CA PHE A 963 -19.01 2.81 -3.98
C PHE A 963 -18.65 1.76 -5.02
N LEU A 964 -19.40 1.66 -6.11
CA LEU A 964 -19.06 0.69 -7.17
C LEU A 964 -17.76 1.05 -7.86
N HIS A 965 -17.69 2.30 -8.32
CA HIS A 965 -16.50 2.84 -8.99
C HIS A 965 -15.25 2.68 -8.14
N LEU A 966 -15.36 2.96 -6.83
CA LEU A 966 -14.21 2.84 -5.93
C LEU A 966 -13.79 1.39 -5.72
N PHE A 967 -14.78 0.54 -5.44
CA PHE A 967 -14.56 -0.91 -5.32
C PHE A 967 -14.01 -1.53 -6.61
N ALA A 968 -14.49 -1.05 -7.76
CA ALA A 968 -14.03 -1.53 -9.08
C ALA A 968 -12.52 -1.31 -9.30
N LEU A 969 -12.00 -0.20 -8.81
CA LEU A 969 -10.57 0.09 -8.86
C LEU A 969 -9.78 -0.74 -7.83
N MET A 970 -10.39 -1.06 -6.69
CA MET A 970 -9.75 -1.91 -5.67
C MET A 970 -9.50 -3.35 -6.11
N ARG A 971 -10.18 -3.80 -7.16
CA ARG A 971 -9.84 -5.09 -7.79
C ARG A 971 -8.35 -5.19 -8.18
N ALA A 972 -7.74 -4.04 -8.47
CA ALA A 972 -6.28 -3.92 -8.68
C ALA A 972 -5.43 -4.47 -7.53
N ALA A 973 -5.86 -4.24 -6.29
CA ALA A 973 -5.09 -4.59 -5.10
C ALA A 973 -4.88 -6.08 -4.85
N GLY A 974 -5.63 -6.94 -5.52
CA GLY A 974 -5.46 -8.39 -5.39
C GLY A 974 -5.85 -8.93 -4.03
N LEU A 975 -6.83 -8.29 -3.38
CA LEU A 975 -7.42 -8.83 -2.16
C LEU A 975 -8.21 -10.07 -2.57
N PRO A 976 -8.09 -11.19 -1.81
CA PRO A 976 -8.82 -12.41 -2.18
C PRO A 976 -10.33 -12.22 -2.32
N GLU A 977 -10.94 -11.52 -1.37
CA GLU A 977 -12.40 -11.32 -1.31
C GLU A 977 -12.94 -10.17 -2.18
N LEU A 978 -12.04 -9.49 -2.90
CA LEU A 978 -12.45 -8.47 -3.87
C LEU A 978 -11.61 -8.65 -5.13
N SER A 979 -12.07 -9.56 -5.99
CA SER A 979 -11.32 -10.00 -7.17
C SER A 979 -12.08 -10.07 -8.51
N CYS A 980 -13.37 -9.79 -8.52
CA CYS A 980 -14.18 -9.93 -9.74
C CYS A 980 -15.54 -9.23 -9.65
N SER A 981 -16.23 -9.18 -10.79
CA SER A 981 -17.58 -8.59 -10.91
C SER A 981 -18.62 -9.07 -9.89
N LYS A 982 -18.52 -10.34 -9.50
CA LYS A 982 -19.46 -10.94 -8.55
C LYS A 982 -19.32 -10.33 -7.15
N ASP A 983 -18.09 -10.05 -6.74
CA ASP A 983 -17.83 -9.33 -5.48
C ASP A 983 -18.36 -7.89 -5.53
N ILE A 984 -18.28 -7.25 -6.70
CA ILE A 984 -18.87 -5.92 -6.93
C ILE A 984 -20.41 -6.01 -6.92
N GLN A 985 -20.94 -7.09 -7.49
CA GLN A 985 -22.39 -7.34 -7.55
C GLN A 985 -23.04 -7.40 -6.15
N TYR A 986 -22.27 -7.80 -5.13
CA TYR A 986 -22.74 -7.78 -3.75
C TYR A 986 -23.21 -6.40 -3.34
N LEU A 987 -22.43 -5.37 -3.67
CA LEU A 987 -22.80 -4.00 -3.36
C LEU A 987 -24.00 -3.53 -4.15
N LYS A 988 -24.09 -3.92 -5.42
CA LYS A 988 -25.25 -3.58 -6.25
C LYS A 988 -26.54 -4.10 -5.64
N ASP A 989 -26.51 -5.35 -5.16
CA ASP A 989 -27.69 -6.01 -4.56
C ASP A 989 -28.00 -5.51 -3.17
N SER A 990 -26.98 -5.38 -2.32
CA SER A 990 -27.17 -4.84 -0.95
C SER A 990 -27.72 -3.40 -0.94
N LEU A 991 -27.24 -2.57 -1.85
CA LEU A 991 -27.76 -1.19 -2.04
C LEU A 991 -28.98 -1.13 -2.97
N ALA A 992 -29.40 -2.26 -3.52
CA ALA A 992 -30.61 -2.33 -4.37
C ALA A 992 -30.62 -1.27 -5.48
N LEU A 993 -29.49 -1.14 -6.17
CA LEU A 993 -29.30 -0.09 -7.18
C LEU A 993 -30.11 -0.32 -8.47
N GLY A 994 -30.48 -1.58 -8.74
CA GLY A 994 -31.37 -1.91 -9.85
C GLY A 994 -32.81 -1.45 -9.63
N LYS A 995 -33.31 -1.64 -8.41
CA LYS A 995 -34.68 -1.26 -8.03
C LYS A 995 -34.80 0.25 -7.80
N THR A 996 -36.03 0.76 -7.84
CA THR A 996 -36.29 2.18 -7.55
C THR A 996 -36.16 2.47 -6.05
N GLU A 997 -36.16 3.75 -5.70
CA GLU A 997 -35.94 4.18 -4.31
C GLU A 997 -37.05 3.74 -3.37
N GLU A 998 -38.30 3.85 -3.83
CA GLU A 998 -39.47 3.39 -3.08
C GLU A 998 -39.49 1.86 -2.95
N GLU A 999 -39.19 1.17 -4.05
CA GLU A 999 -39.06 -0.31 -4.05
C GLU A 999 -37.94 -0.79 -3.12
N ALA A 1000 -36.81 -0.08 -3.13
CA ALA A 1000 -35.65 -0.40 -2.28
C ALA A 1000 -35.95 -0.21 -0.80
N LEU A 1001 -36.62 0.91 -0.47
CA LEU A 1001 -37.05 1.20 0.91
C LEU A 1001 -38.07 0.20 1.46
N LYS A 1002 -38.97 -0.28 0.59
CA LYS A 1002 -39.96 -1.30 0.98
C LYS A 1002 -39.29 -2.66 1.25
N HIS A 1003 -38.28 -3.00 0.46
CA HIS A 1003 -37.50 -4.23 0.70
C HIS A 1003 -36.63 -4.10 1.97
N PHE A 1004 -35.97 -2.95 2.15
CA PHE A 1004 -35.17 -2.67 3.35
C PHE A 1004 -35.96 -2.82 4.66
N ARG A 1005 -37.23 -2.37 4.66
CA ARG A 1005 -38.13 -2.51 5.81
C ARG A 1005 -38.49 -3.96 6.09
N VAL A 1006 -38.67 -4.76 5.03
CA VAL A 1006 -38.96 -6.20 5.17
C VAL A 1006 -37.73 -6.95 5.73
N LYS A 1007 -36.54 -6.56 5.28
CA LYS A 1007 -35.28 -7.05 5.85
C LYS A 1007 -35.15 -6.62 7.32
N PHE A 1008 -35.40 -5.34 7.60
CA PHE A 1008 -35.43 -4.78 8.96
C PHE A 1008 -36.41 -5.53 9.86
N ASN A 1009 -37.61 -5.77 9.35
CA ASN A 1009 -38.66 -6.43 10.12
C ASN A 1009 -38.33 -7.88 10.46
N GLU A 1010 -37.85 -8.64 9.47
CA GLU A 1010 -37.43 -10.03 9.73
C GLU A 1010 -36.19 -10.11 10.64
N ALA A 1011 -35.30 -9.12 10.56
CA ALA A 1011 -34.20 -8.97 11.52
C ALA A 1011 -34.71 -8.76 12.96
N LEU A 1012 -35.76 -7.94 13.11
CA LEU A 1012 -36.39 -7.71 14.41
C LEU A 1012 -37.02 -8.99 14.96
N ARG A 1013 -37.77 -9.70 14.11
CA ARG A 1013 -38.36 -11.00 14.46
C ARG A 1013 -37.31 -12.06 14.80
N GLU A 1014 -36.27 -12.15 13.97
CA GLU A 1014 -35.19 -13.13 14.19
C GLU A 1014 -34.34 -12.83 15.43
N SER A 1015 -34.34 -11.57 15.89
CA SER A 1015 -33.61 -11.16 17.09
C SER A 1015 -34.10 -11.86 18.37
N TRP A 1016 -35.40 -12.07 18.49
CA TRP A 1016 -35.99 -12.76 19.66
C TRP A 1016 -35.65 -14.25 19.71
N LYS A 1017 -35.78 -14.93 18.57
CA LYS A 1017 -35.57 -16.39 18.48
C LYS A 1017 -34.11 -16.83 18.70
N THR A 1018 -33.16 -15.99 18.30
CA THR A 1018 -31.72 -16.30 18.39
C THR A 1018 -31.23 -16.39 19.84
N LYS A 1019 -31.56 -15.39 20.64
CA LYS A 1019 -31.10 -15.30 22.04
C LYS A 1019 -31.54 -16.49 22.92
N VAL A 1020 -32.68 -17.10 22.59
CA VAL A 1020 -33.21 -18.25 23.31
C VAL A 1020 -32.41 -19.51 22.98
N TYR B 1 -30.98 -35.23 -29.77
CA TYR B 1 -29.73 -35.47 -30.57
C TYR B 1 -28.55 -34.57 -30.14
N GLN B 2 -28.28 -34.55 -28.83
CA GLN B 2 -27.15 -33.82 -28.24
C GLN B 2 -26.52 -34.66 -27.12
N GLN B 3 -25.20 -34.51 -26.90
CA GLN B 3 -24.46 -35.36 -25.96
C GLN B 3 -23.34 -34.65 -25.20
N ASP B 4 -23.26 -34.91 -23.89
CA ASP B 4 -22.13 -34.52 -23.03
C ASP B 4 -22.22 -35.26 -21.69
N GLN B 5 -21.17 -36.03 -21.35
CA GLN B 5 -21.19 -36.95 -20.20
C GLN B 5 -19.87 -36.98 -19.42
N VAL B 6 -19.77 -36.08 -18.43
CA VAL B 6 -18.68 -36.07 -17.44
C VAL B 6 -19.08 -36.72 -16.09
N VAL B 7 -20.38 -36.83 -15.84
CA VAL B 7 -20.91 -37.40 -14.59
C VAL B 7 -20.94 -38.92 -14.70
N LYS B 8 -20.39 -39.60 -13.70
CA LYS B 8 -20.24 -41.06 -13.70
C LYS B 8 -21.45 -41.76 -13.10
N GLU B 9 -21.89 -41.31 -11.92
CA GLU B 9 -23.11 -41.83 -11.27
C GLU B 9 -24.39 -41.28 -11.93
N ASP B 10 -25.52 -41.86 -11.55
CA ASP B 10 -26.82 -41.58 -12.21
C ASP B 10 -28.00 -41.25 -11.26
N ASN B 11 -28.06 -41.88 -10.08
CA ASN B 11 -29.03 -41.50 -9.03
C ASN B 11 -28.54 -40.32 -8.18
N ILE B 12 -29.50 -39.57 -7.62
CA ILE B 12 -29.22 -38.28 -6.96
C ILE B 12 -28.31 -38.40 -5.72
N GLU B 13 -28.50 -39.45 -4.92
CA GLU B 13 -27.68 -39.65 -3.71
C GLU B 13 -26.25 -40.08 -4.05
N ALA B 14 -26.09 -40.91 -5.07
CA ALA B 14 -24.78 -41.39 -5.51
C ALA B 14 -23.93 -40.26 -6.11
N VAL B 15 -24.58 -39.38 -6.88
CA VAL B 15 -23.92 -38.21 -7.48
C VAL B 15 -23.55 -37.20 -6.39
N GLY B 16 -24.50 -36.92 -5.50
CA GLY B 16 -24.27 -36.06 -4.34
C GLY B 16 -23.23 -36.59 -3.35
N LYS B 17 -23.13 -37.91 -3.25
CA LYS B 17 -22.06 -38.55 -2.47
C LYS B 17 -20.70 -38.30 -3.13
N LYS B 18 -20.66 -38.40 -4.46
CA LYS B 18 -19.46 -38.10 -5.23
C LYS B 18 -19.13 -36.59 -5.26
N LEU B 19 -20.15 -35.74 -5.15
CA LEU B 19 -19.94 -34.29 -5.01
C LEU B 19 -19.15 -33.99 -3.73
N HIS B 20 -19.51 -34.63 -2.63
CA HIS B 20 -18.80 -34.45 -1.36
C HIS B 20 -17.35 -34.90 -1.44
N GLU B 21 -17.11 -36.03 -2.10
CA GLU B 21 -15.76 -36.57 -2.27
C GLU B 21 -14.87 -35.62 -3.10
N TYR B 22 -15.35 -35.22 -4.27
CA TYR B 22 -14.56 -34.32 -5.13
C TYR B 22 -14.34 -32.93 -4.52
N ASN B 23 -15.34 -32.43 -3.79
CA ASN B 23 -15.20 -31.17 -3.05
C ASN B 23 -14.13 -31.27 -1.96
N THR B 24 -14.15 -32.37 -1.21
CA THR B 24 -13.18 -32.61 -0.13
C THR B 24 -11.77 -32.78 -0.68
N GLN B 25 -11.65 -33.50 -1.80
CA GLN B 25 -10.38 -33.64 -2.52
C GLN B 25 -9.86 -32.31 -3.09
N PHE B 26 -10.77 -31.43 -3.51
CA PHE B 26 -10.40 -30.13 -4.08
C PHE B 26 -9.85 -29.17 -3.04
N GLN B 27 -10.54 -29.09 -1.90
CA GLN B 27 -10.09 -28.25 -0.77
C GLN B 27 -8.76 -28.73 -0.19
N GLU B 28 -8.55 -30.04 -0.16
CA GLU B 28 -7.28 -30.63 0.27
C GLU B 28 -6.12 -30.29 -0.68
N LYS B 29 -6.39 -30.34 -1.99
CA LYS B 29 -5.39 -29.94 -3.00
C LYS B 29 -5.15 -28.44 -2.97
N SER B 30 -6.23 -27.65 -2.84
CA SER B 30 -6.11 -26.19 -2.65
C SER B 30 -5.18 -25.83 -1.50
N ARG B 31 -5.38 -26.47 -0.35
CA ARG B 31 -4.52 -26.28 0.83
C ARG B 31 -3.05 -26.62 0.55
N GLU B 32 -2.82 -27.71 -0.18
CA GLU B 32 -1.47 -28.12 -0.55
C GLU B 32 -0.80 -27.13 -1.51
N TYR B 33 -1.56 -26.60 -2.47
CA TYR B 33 -1.05 -25.57 -3.37
C TYR B 33 -0.73 -24.29 -2.59
N ASP B 34 -1.67 -23.83 -1.75
CA ASP B 34 -1.47 -22.61 -0.93
C ASP B 34 -0.28 -22.71 0.02
N ARG B 35 -0.03 -23.91 0.55
CA ARG B 35 1.16 -24.20 1.36
C ARG B 35 2.44 -23.99 0.54
N LEU B 36 2.45 -24.51 -0.69
CA LEU B 36 3.59 -24.37 -1.59
C LEU B 36 3.81 -22.93 -2.05
N TYR B 37 2.72 -22.21 -2.30
CA TYR B 37 2.81 -20.83 -2.75
C TYR B 37 3.40 -19.91 -1.68
N GLU B 38 3.14 -20.21 -0.40
CA GLU B 38 3.82 -19.50 0.69
C GLU B 38 5.33 -19.74 0.64
N ASP B 39 5.73 -21.01 0.48
CA ASP B 39 7.13 -21.38 0.35
C ASP B 39 7.78 -20.71 -0.86
N TYR B 40 7.07 -20.70 -1.99
CA TYR B 40 7.51 -19.99 -3.20
C TYR B 40 7.83 -18.52 -2.92
N THR B 41 6.88 -17.80 -2.34
CA THR B 41 7.06 -16.37 -2.05
C THR B 41 8.17 -16.14 -1.03
N ARG B 42 8.14 -16.91 0.06
CA ARG B 42 9.16 -16.83 1.11
C ARG B 42 10.56 -17.09 0.55
N THR B 43 10.67 -18.16 -0.24
CA THR B 43 11.92 -18.50 -0.90
C THR B 43 12.36 -17.42 -1.89
N SER B 44 11.41 -16.84 -2.62
CA SER B 44 11.73 -15.75 -3.54
C SER B 44 12.28 -14.52 -2.81
N GLN B 45 11.65 -14.17 -1.68
CA GLN B 45 12.10 -13.07 -0.83
C GLN B 45 13.48 -13.35 -0.22
N GLU B 46 13.67 -14.58 0.28
CA GLU B 46 14.95 -15.00 0.86
C GLU B 46 16.10 -14.99 -0.15
N ILE B 47 15.83 -15.40 -1.38
CA ILE B 47 16.81 -15.41 -2.47
C ILE B 47 17.20 -13.97 -2.88
N GLN B 48 16.22 -13.07 -2.94
CA GLN B 48 16.48 -11.66 -3.18
C GLN B 48 17.37 -11.06 -2.09
N MET B 49 17.04 -11.36 -0.83
CA MET B 49 17.84 -10.93 0.33
C MET B 49 19.30 -11.39 0.20
N LYS B 50 19.49 -12.65 -0.17
CA LYS B 50 20.83 -13.22 -0.36
C LYS B 50 21.57 -12.55 -1.52
N ARG B 51 20.86 -12.22 -2.59
CA ARG B 51 21.47 -11.55 -3.75
C ARG B 51 21.93 -10.12 -3.45
N THR B 52 21.16 -9.40 -2.63
CA THR B 52 21.56 -8.09 -2.11
C THR B 52 22.79 -8.20 -1.20
N ALA B 53 22.81 -9.22 -0.34
CA ALA B 53 23.93 -9.47 0.58
C ALA B 53 25.24 -9.81 -0.17
N ILE B 54 25.12 -10.49 -1.30
CA ILE B 54 26.27 -10.77 -2.17
C ILE B 54 26.83 -9.47 -2.75
N GLU B 55 25.94 -8.58 -3.21
CA GLU B 55 26.37 -7.25 -3.65
C GLU B 55 27.06 -6.48 -2.51
N ALA B 56 26.54 -6.63 -1.29
CA ALA B 56 27.13 -6.01 -0.09
C ALA B 56 28.53 -6.56 0.23
N PHE B 57 28.71 -7.88 0.03
CA PHE B 57 30.04 -8.51 0.12
C PHE B 57 30.98 -7.99 -0.95
N ASN B 58 30.48 -7.92 -2.18
CA ASN B 58 31.25 -7.38 -3.31
C ASN B 58 31.69 -5.95 -3.03
N GLU B 59 30.77 -5.13 -2.55
CA GLU B 59 31.02 -3.70 -2.31
C GLU B 59 31.98 -3.46 -1.14
N THR B 60 31.99 -4.36 -0.15
CA THR B 60 32.93 -4.29 0.97
C THR B 60 34.32 -4.67 0.50
N ILE B 61 34.42 -5.81 -0.17
CA ILE B 61 35.68 -6.26 -0.78
C ILE B 61 36.27 -5.15 -1.65
N LYS B 62 35.42 -4.51 -2.46
CA LYS B 62 35.81 -3.37 -3.30
C LYS B 62 36.49 -2.25 -2.48
N ILE B 63 35.94 -1.96 -1.29
CA ILE B 63 36.54 -1.01 -0.34
C ILE B 63 37.92 -1.49 0.18
N PHE B 64 38.03 -2.80 0.44
CA PHE B 64 39.30 -3.40 0.88
C PHE B 64 40.37 -3.43 -0.23
N GLU B 65 39.93 -3.65 -1.48
CA GLU B 65 40.84 -3.56 -2.64
C GLU B 65 41.38 -2.13 -2.81
N GLU B 66 40.52 -1.13 -2.58
CA GLU B 66 40.93 0.29 -2.58
C GLU B 66 41.89 0.64 -1.45
N GLN B 67 41.77 -0.04 -0.31
CA GLN B 67 42.69 0.15 0.81
C GLN B 67 44.07 -0.41 0.47
N CYS B 68 44.11 -1.54 -0.22
CA CYS B 68 45.37 -2.11 -0.71
C CYS B 68 46.06 -1.23 -1.73
N GLN B 69 45.27 -0.67 -2.66
CA GLN B 69 45.81 0.24 -3.68
C GLN B 69 46.43 1.49 -3.04
N THR B 70 45.76 2.04 -2.03
CA THR B 70 46.28 3.18 -1.26
C THR B 70 47.54 2.81 -0.47
N GLN B 71 47.49 1.66 0.21
CA GLN B 71 48.62 1.19 1.02
C GLN B 71 49.88 1.07 0.18
N GLU B 72 49.77 0.45 -0.99
CA GLU B 72 50.90 0.27 -1.90
C GLU B 72 51.47 1.60 -2.42
N ARG B 73 50.59 2.50 -2.86
CA ARG B 73 51.00 3.84 -3.32
C ARG B 73 51.56 4.68 -2.18
N TYR B 74 50.81 4.79 -1.10
CA TYR B 74 51.14 5.69 0.01
C TYR B 74 52.41 5.28 0.77
N SER B 75 52.57 3.97 1.02
CA SER B 75 53.73 3.47 1.79
C SER B 75 55.06 3.60 1.05
N LYS B 76 55.01 3.58 -0.28
CA LYS B 76 56.19 3.66 -1.16
C LYS B 76 57.23 4.70 -0.71
N GLU B 77 56.76 5.86 -0.25
CA GLU B 77 57.63 6.98 0.14
C GLU B 77 58.42 6.65 1.40
N TYR B 78 57.72 6.26 2.45
CA TYR B 78 58.30 6.12 3.80
C TYR B 78 59.20 4.89 3.97
N ILE B 79 58.91 3.84 3.22
CA ILE B 79 59.73 2.62 3.23
C ILE B 79 61.13 2.95 2.71
N GLU B 80 61.19 3.63 1.56
CA GLU B 80 62.46 4.09 0.98
C GLU B 80 63.05 5.29 1.73
N LYS B 81 62.20 6.23 2.15
CA LYS B 81 62.66 7.46 2.84
C LYS B 81 63.28 7.20 4.22
N PHE B 82 62.83 6.13 4.90
CA PHE B 82 63.42 5.69 6.17
C PHE B 82 64.15 4.33 6.07
N LYS B 83 64.74 4.07 4.90
CA LYS B 83 65.74 3.00 4.74
C LYS B 83 67.10 3.65 4.98
N ARG B 84 67.34 4.77 4.30
CA ARG B 84 68.37 5.74 4.70
C ARG B 84 67.80 6.47 5.93
N GLU B 85 68.58 6.53 7.01
CA GLU B 85 68.06 6.67 8.38
C GLU B 85 67.31 5.38 8.71
N GLY B 86 68.08 4.38 9.16
CA GLY B 86 67.66 2.97 9.16
C GLY B 86 66.60 2.61 10.18
N ASN B 87 65.37 3.02 9.87
CA ASN B 87 64.19 2.70 10.69
C ASN B 87 63.52 1.45 10.11
N GLU B 88 64.19 0.31 10.29
CA GLU B 88 63.66 -1.01 9.89
C GLU B 88 62.46 -1.44 10.73
N THR B 89 62.24 -0.76 11.86
CA THR B 89 60.98 -0.84 12.62
C THR B 89 59.79 -0.42 11.75
N GLU B 90 59.84 0.80 11.22
CA GLU B 90 58.76 1.36 10.36
C GLU B 90 58.33 0.43 9.23
N ILE B 91 59.32 -0.11 8.52
CA ILE B 91 59.05 -1.04 7.41
C ILE B 91 58.36 -2.29 7.94
N GLN B 92 58.95 -2.90 8.97
CA GLN B 92 58.42 -4.15 9.55
C GLN B 92 57.03 -3.99 10.15
N ARG B 93 56.76 -2.83 10.75
CA ARG B 93 55.43 -2.50 11.28
C ARG B 93 54.41 -2.28 10.17
N ILE B 94 54.80 -1.52 9.13
CA ILE B 94 53.91 -1.22 8.00
C ILE B 94 53.54 -2.48 7.22
N MET B 95 54.55 -3.27 6.84
CA MET B 95 54.33 -4.48 6.04
C MET B 95 53.57 -5.58 6.78
N HIS B 96 53.76 -5.67 8.10
CA HIS B 96 52.95 -6.59 8.93
C HIS B 96 51.51 -6.10 9.06
N ASN B 97 51.32 -4.79 9.19
CA ASN B 97 50.00 -4.16 9.17
C ASN B 97 49.30 -4.34 7.83
N TYR B 98 50.06 -4.34 6.74
CA TYR B 98 49.55 -4.67 5.40
C TYR B 98 49.16 -6.14 5.32
N GLU B 99 50.05 -7.03 5.81
CA GLU B 99 49.73 -8.47 5.89
C GLU B 99 48.52 -8.74 6.78
N LYS B 100 48.30 -7.90 7.79
CA LYS B 100 47.11 -7.98 8.64
C LYS B 100 45.83 -7.59 7.87
N LEU B 101 45.95 -6.61 6.96
CA LEU B 101 44.85 -6.21 6.08
C LEU B 101 44.52 -7.31 5.06
N LYS B 102 45.56 -7.81 4.37
CA LYS B 102 45.40 -8.88 3.38
C LYS B 102 44.70 -10.13 3.94
N SER B 103 45.08 -10.51 5.16
CA SER B 103 44.56 -11.71 5.82
C SER B 103 43.06 -11.60 6.13
N ARG B 104 42.63 -10.40 6.46
CA ARG B 104 41.22 -10.11 6.72
C ARG B 104 40.35 -10.21 5.46
N ILE B 105 40.89 -9.82 4.31
CA ILE B 105 40.18 -9.94 3.03
C ILE B 105 39.84 -11.41 2.72
N SER B 106 40.77 -12.32 2.98
CA SER B 106 40.55 -13.76 2.76
C SER B 106 39.42 -14.35 3.61
N GLU B 107 39.18 -13.77 4.78
CA GLU B 107 38.04 -14.17 5.62
C GLU B 107 36.72 -13.70 5.00
N ILE B 108 36.73 -12.46 4.49
CA ILE B 108 35.56 -11.86 3.83
C ILE B 108 35.23 -12.58 2.50
N VAL B 109 36.27 -13.00 1.77
CA VAL B 109 36.09 -13.78 0.53
C VAL B 109 35.48 -15.15 0.84
N ASP B 110 35.90 -15.75 1.94
CA ASP B 110 35.35 -17.02 2.42
C ASP B 110 33.87 -16.87 2.78
N SER B 111 33.56 -15.83 3.56
CA SER B 111 32.17 -15.55 3.97
C SER B 111 31.25 -15.28 2.79
N ARG B 112 31.74 -14.55 1.78
CA ARG B 112 31.03 -14.39 0.51
C ARG B 112 30.81 -15.74 -0.18
N ARG B 113 31.85 -16.56 -0.22
CA ARG B 113 31.80 -17.88 -0.86
C ARG B 113 30.73 -18.78 -0.21
N ARG B 114 30.68 -18.80 1.12
CA ARG B 114 29.67 -19.59 1.85
C ARG B 114 28.22 -19.19 1.52
N LEU B 115 28.00 -17.90 1.29
CA LEU B 115 26.69 -17.37 0.92
C LEU B 115 26.29 -17.78 -0.50
N GLU B 116 27.20 -17.65 -1.45
CA GLU B 116 26.97 -18.09 -2.84
C GLU B 116 26.53 -19.55 -2.92
N GLU B 117 27.08 -20.39 -2.03
CA GLU B 117 26.68 -21.80 -1.92
C GLU B 117 25.23 -21.97 -1.45
N ASP B 118 24.81 -21.16 -0.47
CA ASP B 118 23.41 -21.19 0.02
C ASP B 118 22.43 -20.77 -1.07
N LEU B 119 22.80 -19.72 -1.81
CA LEU B 119 21.98 -19.20 -2.91
C LEU B 119 21.83 -20.23 -4.04
N LYS B 120 22.92 -20.91 -4.39
CA LYS B 120 22.86 -22.01 -5.36
C LYS B 120 21.94 -23.12 -4.86
N LYS B 121 22.08 -23.47 -3.59
CA LYS B 121 21.21 -24.47 -2.94
C LYS B 121 19.75 -24.00 -2.89
N GLN B 122 19.54 -22.76 -2.48
CA GLN B 122 18.18 -22.19 -2.38
C GLN B 122 17.54 -21.92 -3.74
N ALA B 123 18.35 -21.63 -4.77
CA ALA B 123 17.84 -21.51 -6.14
C ALA B 123 17.28 -22.83 -6.65
N ALA B 124 17.95 -23.93 -6.29
CA ALA B 124 17.51 -25.29 -6.60
C ALA B 124 16.24 -25.69 -5.85
N GLU B 125 16.05 -25.14 -4.63
CA GLU B 125 14.79 -25.31 -3.88
C GLU B 125 13.66 -24.61 -4.60
N TYR B 126 13.86 -23.32 -4.90
CA TYR B 126 12.90 -22.51 -5.65
C TYR B 126 12.36 -23.24 -6.90
N ARG B 127 13.27 -23.83 -7.68
CA ARG B 127 12.88 -24.53 -8.90
C ARG B 127 12.07 -25.81 -8.65
N GLU B 128 12.37 -26.51 -7.55
CA GLU B 128 11.60 -27.69 -7.13
C GLU B 128 10.24 -27.33 -6.52
N ILE B 129 10.16 -26.16 -5.88
CA ILE B 129 8.89 -25.61 -5.43
C ILE B 129 7.99 -25.35 -6.64
N ASP B 130 8.52 -24.67 -7.65
CA ASP B 130 7.78 -24.39 -8.88
C ASP B 130 7.46 -25.66 -9.69
N LYS B 131 8.37 -26.65 -9.63
CA LYS B 131 8.13 -27.95 -10.29
C LYS B 131 6.99 -28.69 -9.61
N ARG B 132 6.99 -28.71 -8.27
CA ARG B 132 5.90 -29.35 -7.50
C ARG B 132 4.56 -28.65 -7.71
N MET B 133 4.57 -27.32 -7.72
CA MET B 133 3.36 -26.52 -7.98
C MET B 133 2.74 -26.84 -9.34
N ASN B 134 3.58 -26.94 -10.37
CA ASN B 134 3.10 -27.19 -11.73
C ASN B 134 2.58 -28.62 -11.98
N SER B 135 2.96 -29.58 -11.13
CA SER B 135 2.38 -30.92 -11.16
C SER B 135 1.10 -31.04 -10.30
N ILE B 136 0.77 -29.99 -9.55
CA ILE B 136 -0.44 -29.91 -8.72
C ILE B 136 -1.57 -29.13 -9.43
N LYS B 137 -1.22 -28.16 -10.26
CA LYS B 137 -2.20 -27.37 -11.02
C LYS B 137 -3.18 -28.18 -11.90
N PRO B 138 -2.69 -29.21 -12.62
CA PRO B 138 -3.63 -30.04 -13.38
C PRO B 138 -4.68 -30.73 -12.50
N ASP B 139 -4.21 -31.40 -11.44
CA ASP B 139 -5.08 -32.09 -10.47
C ASP B 139 -6.09 -31.13 -9.87
N LEU B 140 -5.60 -29.97 -9.47
CA LEU B 140 -6.41 -28.93 -8.84
C LEU B 140 -7.50 -28.43 -9.78
N ILE B 141 -7.11 -28.10 -11.01
CA ILE B 141 -8.04 -27.58 -12.02
C ILE B 141 -9.06 -28.65 -12.43
N GLN B 142 -8.59 -29.87 -12.71
CA GLN B 142 -9.49 -30.99 -13.04
C GLN B 142 -10.50 -31.27 -11.92
N LEU B 143 -10.04 -31.19 -10.67
CA LEU B 143 -10.91 -31.35 -9.50
C LEU B 143 -11.88 -30.19 -9.31
N ARG B 144 -11.52 -28.99 -9.76
CA ARG B 144 -12.45 -27.85 -9.75
C ARG B 144 -13.56 -28.03 -10.79
N LYS B 145 -13.20 -28.49 -12.00
CA LYS B 145 -14.17 -28.68 -13.08
C LYS B 145 -15.19 -29.79 -12.78
N THR B 146 -14.68 -30.90 -12.23
CA THR B 146 -15.51 -32.03 -11.83
C THR B 146 -16.53 -31.60 -10.76
N ARG B 147 -16.03 -30.99 -9.68
CA ARG B 147 -16.88 -30.41 -8.62
C ARG B 147 -18.00 -29.57 -9.21
N ASP B 148 -17.68 -28.72 -10.19
CA ASP B 148 -18.67 -27.86 -10.85
C ASP B 148 -19.67 -28.62 -11.73
N GLN B 149 -19.19 -29.62 -12.49
CA GLN B 149 -20.08 -30.44 -13.32
C GLN B 149 -21.11 -31.21 -12.50
N TYR B 150 -20.67 -31.74 -11.36
CA TYR B 150 -21.56 -32.47 -10.44
C TYR B 150 -22.61 -31.55 -9.80
N LEU B 151 -22.20 -30.35 -9.38
CA LEU B 151 -23.14 -29.32 -8.90
C LEU B 151 -24.20 -28.96 -9.94
N MET B 152 -23.74 -28.77 -11.18
CA MET B 152 -24.63 -28.44 -12.31
C MET B 152 -25.65 -29.53 -12.56
N TRP B 153 -25.20 -30.78 -12.53
CA TRP B 153 -26.06 -31.94 -12.72
C TRP B 153 -27.16 -32.00 -11.67
N LEU B 154 -26.76 -31.80 -10.41
CA LEU B 154 -27.70 -31.86 -9.29
C LEU B 154 -28.69 -30.68 -9.28
N THR B 155 -28.21 -29.49 -9.63
CA THR B 155 -29.07 -28.30 -9.72
C THR B 155 -30.12 -28.43 -10.82
N GLN B 156 -29.71 -28.86 -12.00
CA GLN B 156 -30.63 -29.18 -13.11
C GLN B 156 -31.71 -30.18 -12.68
N LYS B 157 -31.28 -31.24 -12.00
CA LYS B 157 -32.20 -32.26 -11.46
C LYS B 157 -33.15 -31.72 -10.39
N GLY B 158 -32.88 -30.53 -9.86
CA GLY B 158 -33.78 -29.81 -8.97
C GLY B 158 -33.47 -29.97 -7.50
N VAL B 159 -32.26 -30.42 -7.17
CA VAL B 159 -31.86 -30.69 -5.78
C VAL B 159 -31.77 -29.36 -5.01
N ARG B 160 -32.39 -29.37 -3.82
CA ARG B 160 -32.53 -28.16 -2.99
C ARG B 160 -31.18 -27.70 -2.47
N GLN B 161 -31.07 -26.38 -2.24
CA GLN B 161 -29.81 -25.75 -1.80
C GLN B 161 -29.27 -26.32 -0.49
N LYS B 162 -30.15 -26.60 0.45
CA LYS B 162 -29.78 -27.24 1.72
C LYS B 162 -29.06 -28.58 1.52
N LYS B 163 -29.53 -29.37 0.56
CA LYS B 163 -28.88 -30.64 0.21
C LYS B 163 -27.50 -30.43 -0.44
N LEU B 164 -27.36 -29.36 -1.24
CA LEU B 164 -26.08 -29.01 -1.85
C LEU B 164 -25.09 -28.53 -0.79
N ASN B 165 -25.53 -27.63 0.08
CA ASN B 165 -24.71 -27.07 1.16
C ASN B 165 -24.11 -28.13 2.08
N GLU B 166 -24.92 -29.13 2.44
CA GLU B 166 -24.46 -30.22 3.33
C GLU B 166 -23.37 -31.08 2.69
N TRP B 167 -23.47 -31.33 1.38
CA TRP B 167 -22.43 -32.06 0.65
C TRP B 167 -21.15 -31.26 0.47
N LEU B 168 -21.27 -29.95 0.24
CA LEU B 168 -20.09 -29.07 0.12
C LEU B 168 -19.42 -28.79 1.47
N GLY B 169 -20.13 -29.03 2.57
CA GLY B 169 -19.55 -28.97 3.91
C GLY B 169 -18.55 -30.09 4.16
C1 Y5Y C . -10.04 -0.38 17.63
C2 Y5Y C . -8.65 -0.96 17.89
C4 Y5Y C . -8.64 -3.44 18.56
C5 Y5Y C . -8.45 -4.12 17.26
C6 Y5Y C . -7.65 -5.27 17.22
C8 Y5Y C . -8.03 -5.48 14.96
N10 Y5Y C . -8.80 -4.40 14.94
C11 Y5Y C . -9.04 -3.70 16.05
C16 Y5Y C . -9.36 -4.80 24.13
C18 Y5Y C . -9.95 -6.21 24.36
C19 Y5Y C . -8.68 -7.10 24.34
C21 Y5Y C . -6.34 -6.69 25.10
C23 Y5Y C . -5.25 -5.76 25.57
C24 Y5Y C . -5.36 -5.07 26.93
C30 Y5Y C . -8.91 -1.94 20.18
N3 Y5Y C . -8.74 -2.10 18.82
N7 Y5Y C . -7.47 -5.91 16.08
C9 Y5Y C . -7.79 -6.26 13.69
N12 Y5Y C . -8.75 -4.09 19.69
C13 Y5Y C . -8.92 -3.23 20.72
C14 Y5Y C . -9.09 -3.36 22.12
N15 Y5Y C . -9.10 -4.61 22.70
N20 Y5Y C . -7.58 -6.24 24.81
O22 Y5Y C . -6.08 -7.88 24.94
C25 Y5Y C . -4.38 -6.23 26.72
C26 Y5Y C . -8.05 -4.84 24.94
N27 Y5Y C . -9.21 -2.26 22.85
C28 Y5Y C . -9.19 -1.06 22.29
N29 Y5Y C . -9.05 -0.89 20.99
C1 EDO D . -3.84 -16.88 -14.82
O1 EDO D . -4.93 -16.33 -14.08
C2 EDO D . -4.24 -18.20 -15.46
O2 EDO D . -4.91 -18.00 -16.72
S SO4 E . -12.03 8.52 15.77
O1 SO4 E . -11.87 9.98 15.72
O2 SO4 E . -11.42 7.94 14.58
O3 SO4 E . -13.45 8.21 15.81
O4 SO4 E . -11.37 8.00 16.96
#